data_6V6B
#
_entry.id   6V6B
#
_cell.length_a   1.00
_cell.length_b   1.00
_cell.length_c   1.00
_cell.angle_alpha   90.00
_cell.angle_beta   90.00
_cell.angle_gamma   90.00
#
_symmetry.space_group_name_H-M   'P 1'
#
loop_
_entity.id
_entity.type
_entity.pdbx_description
1 polymer 'Gamma-tubulin complex component 3'
2 polymer 'Gamma-tubulin complex component 2'
#
loop_
_entity_poly.entity_id
_entity_poly.type
_entity_poly.pdbx_seq_one_letter_code
_entity_poly.pdbx_strand_id
1 'polypeptide(L)'
;MATPDQKSPNVLLQNLCCRILGRSEADVAQQFQYAVRVIGSNFAPTVERDEFLVAEKIKKELIRQRREADAALFSELHRK
LHSQGVLKNKWSILYLLLSLSEDPRRQPSKVSSYATLFAQALPRDAHSTPYYYARPQTLPLSYQDRSAQSAQSSGSVGSS
GISSIGLCALSGPAPAPQSLLPGQSNQAPGVGDCLRQQLGSRLAWTLTANQPSSQATTSKGVPSAVSRNMTRSRREGDTG
GTMEITEAALVRDILYVFQGIDGKNIKMNNTENCYKVEGKANLSRSLRDTAVRLSELGWLHNKIRRYTDQRSLDRSFGLV
GQSFCAALHQELREYYRLLSVLHSQLQLEDDQGVNLGLESSLTLRRLLVWTYDPKIRLKTLAALVDHCQGRKGGELASAV
HAYTKTGDPYMRSLVQHILSLVSHPVLSFLYRWIYDGELEDTYHEFFVASDPTVKTDRLWHDKYTLRKSMIPSFMTMDQS
RKVLLIGKSINFLHQVCHDQTPTTKMIAVTKSAESPQDAADLFTDLENAFQGKIDAAYFETSKYLLDVLNKKYSLLDHMQ
AMRRYLLLGQGDFIRHLMDLLKPELVRPATTLYQHNLTGILETAVRATNAQFDSPEILRRLDVRLLEVSPGDTGWDVFSL
DYHVDGPIATVFTRECMSHYLRVFNFLWRAKRMEYILTDIRKGHMCNAKLLRNMPEFSGVLHQCHILASEMVHFIHQMQY
YITFEVLECSWDELWNKVQQAQDLDHIIAAHEVFLDTIISRCLLDSDSRALLNQLRAVFDQIIELQNAQDAIYRAALEEL
QRRLQFEEKKKQREIEGQWGVTAAEEEEENKRIGEFKESIPKMCSQLRILTHFYQGIVQQFLVLLTTSSDESLRFLSFRL
DFNEHYKAREPRLRVSLGTRGRRSSHT
;
B
2 'polypeptide(L)'
;MSEFRIHHDVNELLSLLRVHGGDGAEVYIDLLQKNRTPYVTTTVSAHSAKVKIAEFSRTPEDFLKKYDELKSKNTRNLDP
LVYLLSKLTEDKETLQYLQQNAKERAELAAAAVGSSTTSINVPAAASKISMQELEELRKQLGSVATGSTLQQSLELKRKM
LRDKQNKKNSGQHLPIFPAWVYERPALIGDFLIGAGISTDTALPIVLLRWNLALSPRLKCSGVISAHCNLHLPGTLPLAS
QESAVVEDLLYVLVGVDGRYVSAQPLAGRQSRTFLVDPNLDLSIRELVHRILPVAASYSAVTRFIEEKSSFEYGQVNHAL
AAAMRTLVKEHLILVSQLEQLHRQGLLSLQKLWFYIQPAMRTMDILASLATSVDKGECLGGSTLSLLHDRSFSYTGDSQA
QELCLYLTKAASAPYFEVLEKWIYRGIIHDPYSEFMVEEHELRKERIQEDYNDKYWDQRYTIVQQQIPSFLQKMADKILS
TGKYLNVVRECGHDVTCPVAKEIIYTLKERAYVEQIEKAFNYASKVLLDFLMEEKELVAHLRSIKRYFLMDQGDFFVHFM
DLAEEELRKPVEDITPPRLEALLELALRMSTANTDPFKDDLKIDLMPHDLITQLLRVLAIETKQEKAMAHADPTELALSG
LEAFSFDYIVKWPLSLIINRKALTRYQMLFRHMFYCKHVERQLCSVWISNKTAKQHSLHSAQWFAGAFTLRQRMLNFVQN
IQYYMMFEVMEPTWHILEKNLKSASNIDDVLGHHTGFLDTCLKDCMLTNPELLKVFSKLMSVCVMFTNCMQKFTQSMKLD
GELGGQTLEHSTVLGLPAGAEERARKELARKHLAEHADTVQLVSGFEATINKFDKNFSAHLLDLLARLSIYSTSDCEHGM
ASVISRLDFNGFYTERLERLSAERSQKATPQVPVLRGPPAPAPRVAVTAQ
;
C
#
# COMPACT_ATOMS: atom_id res chain seq x y z
N ILE A 245 15.00 58.13 -55.33
CA ILE A 245 14.40 57.05 -54.57
C ILE A 245 12.92 56.94 -54.92
N THR A 246 12.59 55.99 -55.78
CA THR A 246 11.23 55.86 -56.28
C THR A 246 10.32 55.25 -55.22
N GLU A 247 9.02 55.22 -55.54
CA GLU A 247 8.05 54.60 -54.66
C GLU A 247 8.09 53.08 -54.76
N ALA A 248 8.45 52.55 -55.94
CA ALA A 248 8.56 51.10 -56.09
C ALA A 248 9.72 50.53 -55.29
N ALA A 249 10.70 51.35 -54.92
CA ALA A 249 11.79 50.85 -54.09
C ALA A 249 11.35 50.64 -52.64
N LEU A 250 10.60 51.60 -52.10
CA LEU A 250 10.10 51.46 -50.73
C LEU A 250 9.20 50.24 -50.62
N VAL A 251 8.36 50.00 -51.63
CA VAL A 251 7.49 48.83 -51.59
C VAL A 251 8.31 47.55 -51.64
N ARG A 252 9.50 47.60 -52.24
CA ARG A 252 10.37 46.43 -52.26
C ARG A 252 10.94 46.16 -50.87
N ASP A 253 11.33 47.21 -50.16
CA ASP A 253 11.93 47.02 -48.84
C ASP A 253 10.87 46.76 -47.78
N ILE A 254 9.72 47.43 -47.88
CA ILE A 254 8.66 47.22 -46.90
C ILE A 254 8.23 45.76 -46.87
N LEU A 255 8.15 45.12 -48.04
CA LEU A 255 7.75 43.73 -48.09
C LEU A 255 8.73 42.80 -47.38
N TYR A 256 9.90 43.31 -46.99
CA TYR A 256 10.83 42.56 -46.15
C TYR A 256 10.73 42.95 -44.68
N VAL A 257 10.50 44.23 -44.39
CA VAL A 257 10.40 44.68 -43.02
C VAL A 257 9.22 44.02 -42.31
N PHE A 258 8.26 43.50 -43.07
CA PHE A 258 7.13 42.79 -42.49
C PHE A 258 7.56 41.51 -41.79
N GLN A 259 8.80 41.07 -41.96
CA GLN A 259 9.28 39.86 -41.32
C GLN A 259 10.42 40.07 -40.34
N GLY A 260 11.15 41.18 -40.43
CA GLY A 260 12.29 41.46 -39.57
C GLY A 260 13.55 41.80 -40.34
N ILE A 261 13.63 41.36 -41.59
CA ILE A 261 14.81 41.62 -42.41
C ILE A 261 14.71 43.04 -42.97
N ASP A 262 15.65 43.88 -42.60
CA ASP A 262 15.70 45.23 -43.14
C ASP A 262 15.99 45.21 -44.64
N ASN A 265 16.70 50.59 -47.60
CA ASN A 265 16.62 51.91 -47.00
C ASN A 265 16.09 51.85 -45.58
N ILE A 266 15.08 51.01 -45.36
CA ILE A 266 14.48 50.87 -44.04
C ILE A 266 15.37 49.97 -43.20
N LYS A 267 15.72 50.43 -42.00
CA LYS A 267 16.58 49.67 -41.10
C LYS A 267 16.01 49.73 -39.70
N MET A 268 16.59 48.94 -38.80
CA MET A 268 16.12 48.90 -37.42
C MET A 268 16.44 50.20 -36.69
N ASN A 273 12.76 51.82 -30.83
CA ASN A 273 12.92 50.56 -31.56
C ASN A 273 12.29 50.64 -32.93
N CYS A 274 11.68 51.78 -33.24
CA CYS A 274 10.98 51.94 -34.51
C CYS A 274 11.92 51.73 -35.68
N TYR A 275 11.34 51.38 -36.82
CA TYR A 275 12.12 51.16 -38.05
C TYR A 275 12.36 52.52 -38.69
N LYS A 276 13.40 53.19 -38.23
CA LYS A 276 13.74 54.51 -38.75
C LYS A 276 14.24 54.40 -40.18
N VAL A 277 13.60 55.12 -41.08
CA VAL A 277 13.95 55.11 -42.49
C VAL A 277 14.87 56.27 -42.79
N GLU A 278 15.88 56.03 -43.61
CA GLU A 278 16.81 57.09 -43.99
C GLU A 278 17.08 57.06 -45.49
N ASN A 282 17.00 62.85 -50.50
CA ASN A 282 16.22 61.73 -50.00
C ASN A 282 14.83 61.72 -50.61
N LEU A 283 13.84 61.35 -49.81
CA LEU A 283 12.46 61.21 -50.26
C LEU A 283 11.58 62.28 -49.62
N SER A 284 10.35 62.36 -50.12
CA SER A 284 9.40 63.36 -49.66
C SER A 284 8.76 62.93 -48.35
N ARG A 285 8.30 63.93 -47.58
CA ARG A 285 7.72 63.64 -46.28
C ARG A 285 6.47 62.78 -46.38
N SER A 286 5.71 62.93 -47.46
CA SER A 286 4.49 62.13 -47.61
C SER A 286 4.77 60.64 -47.69
N LEU A 287 6.01 60.23 -47.96
CA LEU A 287 6.37 58.83 -48.03
C LEU A 287 6.95 58.29 -46.73
N ARG A 288 7.84 59.05 -46.08
CA ARG A 288 8.42 58.60 -44.83
C ARG A 288 7.34 58.35 -43.78
N ASP A 289 6.30 59.18 -43.76
CA ASP A 289 5.27 59.05 -42.75
C ASP A 289 4.54 57.71 -42.87
N THR A 290 4.16 57.33 -44.09
CA THR A 290 3.43 56.08 -44.27
C THR A 290 4.32 54.86 -44.13
N ALA A 291 5.60 54.99 -44.48
CA ALA A 291 6.53 53.88 -44.30
C ALA A 291 6.70 53.55 -42.82
N VAL A 292 6.86 54.56 -41.98
CA VAL A 292 7.01 54.31 -40.56
C VAL A 292 5.73 53.72 -39.98
N ARG A 293 4.57 54.09 -40.52
CA ARG A 293 3.32 53.51 -40.03
C ARG A 293 3.16 52.08 -40.49
N LEU A 294 3.57 51.78 -41.73
CA LEU A 294 3.45 50.41 -42.23
C LEU A 294 4.46 49.49 -41.60
N SER A 295 5.68 49.97 -41.33
CA SER A 295 6.71 49.12 -40.77
C SER A 295 6.39 48.68 -39.35
N GLU A 296 5.52 49.39 -38.65
CA GLU A 296 5.20 49.01 -37.29
C GLU A 296 4.45 47.69 -37.21
N LEU A 297 4.24 47.00 -38.33
CA LEU A 297 3.76 45.64 -38.31
C LEU A 297 4.90 44.64 -38.26
N GLY A 298 6.10 45.04 -38.67
CA GLY A 298 7.26 44.20 -38.55
C GLY A 298 7.73 44.12 -37.12
N TRP A 299 7.81 45.27 -36.45
CA TRP A 299 8.22 45.27 -35.05
C TRP A 299 7.28 44.44 -34.20
N LEU A 300 6.03 44.29 -34.62
CA LEU A 300 5.13 43.37 -33.95
C LEU A 300 5.41 41.92 -34.33
N HIS A 301 6.03 41.69 -35.49
CA HIS A 301 6.36 40.34 -35.89
C HIS A 301 7.63 39.83 -35.24
N ASN A 302 8.51 40.72 -34.80
CA ASN A 302 9.69 40.28 -34.08
C ASN A 302 9.35 39.83 -32.67
N LYS A 303 8.57 40.63 -31.95
CA LYS A 303 8.25 40.30 -30.57
C LYS A 303 7.49 38.99 -30.46
N ILE A 304 6.66 38.67 -31.45
CA ILE A 304 5.97 37.38 -31.44
C ILE A 304 6.87 36.26 -31.92
N ARG A 305 7.93 36.57 -32.65
CA ARG A 305 8.86 35.54 -33.10
C ARG A 305 9.93 35.22 -32.06
N ARG A 306 10.40 36.22 -31.31
CA ARG A 306 11.40 35.95 -30.30
C ARG A 306 10.88 34.99 -29.24
N TYR A 307 9.61 35.13 -28.84
CA TYR A 307 9.06 34.24 -27.84
C TYR A 307 8.95 32.81 -28.36
N THR A 308 8.43 32.65 -29.57
CA THR A 308 8.31 31.30 -30.10
C THR A 308 9.61 30.73 -30.57
N ASP A 309 10.71 31.40 -30.32
CA ASP A 309 12.05 30.92 -30.63
C ASP A 309 12.93 30.81 -29.41
N GLN A 310 12.78 31.73 -28.45
CA GLN A 310 13.54 31.64 -27.22
C GLN A 310 13.01 30.53 -26.32
N ARG A 311 11.69 30.40 -26.24
CA ARG A 311 11.08 29.38 -25.40
C ARG A 311 10.95 28.04 -26.10
N SER A 312 11.19 27.97 -27.41
CA SER A 312 11.28 26.70 -28.11
C SER A 312 12.68 26.10 -27.99
N LEU A 313 13.54 26.67 -27.15
CA LEU A 313 14.91 26.22 -26.96
C LEU A 313 15.06 25.39 -25.69
N ASP A 314 14.67 25.94 -24.55
CA ASP A 314 14.79 25.21 -23.29
C ASP A 314 13.71 24.15 -23.18
N ARG A 315 14.10 23.00 -22.62
CA ARG A 315 13.20 21.86 -22.50
C ARG A 315 12.48 21.81 -21.17
N SER A 316 12.50 22.90 -20.40
CA SER A 316 11.84 22.95 -19.10
C SER A 316 10.71 23.97 -19.10
N PHE A 317 9.98 24.07 -20.21
CA PHE A 317 8.85 24.97 -20.31
C PHE A 317 7.51 24.25 -20.18
N GLY A 318 7.51 22.92 -20.16
CA GLY A 318 6.33 22.16 -19.83
C GLY A 318 5.63 21.57 -21.03
N LEU A 319 4.44 21.04 -20.77
CA LEU A 319 3.59 20.45 -21.80
C LEU A 319 2.49 21.38 -22.28
N VAL A 320 1.99 22.27 -21.41
CA VAL A 320 1.04 23.27 -21.85
C VAL A 320 1.75 24.37 -22.62
N GLY A 321 2.92 24.78 -22.15
CA GLY A 321 3.72 25.79 -22.83
C GLY A 321 4.23 25.37 -24.18
N GLN A 322 4.03 24.12 -24.58
CA GLN A 322 4.34 23.74 -25.95
C GLN A 322 3.13 23.91 -26.86
N SER A 323 1.97 23.41 -26.43
CA SER A 323 0.75 23.61 -27.19
C SER A 323 0.43 25.08 -27.39
N PHE A 324 0.98 25.96 -26.56
CA PHE A 324 0.85 27.39 -26.82
C PHE A 324 1.91 27.85 -27.80
N CYS A 325 3.17 27.50 -27.55
CA CYS A 325 4.24 27.89 -28.46
C CYS A 325 4.13 27.18 -29.80
N ALA A 326 3.36 26.11 -29.89
CA ALA A 326 3.07 25.45 -31.16
C ALA A 326 1.67 25.78 -31.66
N ALA A 327 0.99 26.72 -31.03
CA ALA A 327 -0.22 27.33 -31.58
C ALA A 327 -0.01 28.77 -32.00
N LEU A 328 1.13 29.36 -31.67
CA LEU A 328 1.52 30.63 -32.24
C LEU A 328 2.18 30.46 -33.60
N HIS A 329 2.26 29.24 -34.12
CA HIS A 329 2.82 29.01 -35.45
C HIS A 329 1.75 28.80 -36.51
N GLN A 330 0.63 28.17 -36.17
CA GLN A 330 -0.47 28.10 -37.12
C GLN A 330 -1.04 29.48 -37.40
N GLU A 331 -0.89 30.42 -36.46
CA GLU A 331 -1.24 31.81 -36.68
C GLU A 331 -0.10 32.64 -37.21
N LEU A 332 0.95 31.99 -37.73
CA LEU A 332 1.99 32.66 -38.47
C LEU A 332 2.18 32.13 -39.88
N ARG A 333 1.92 30.85 -40.12
CA ARG A 333 1.94 30.37 -41.50
C ARG A 333 0.96 31.15 -42.35
N GLU A 334 -0.22 31.45 -41.81
CA GLU A 334 -1.15 32.29 -42.55
C GLU A 334 -0.59 33.67 -42.80
N TYR A 335 0.09 34.24 -41.80
CA TYR A 335 0.76 35.51 -42.04
C TYR A 335 1.90 35.38 -43.02
N TYR A 336 2.39 34.17 -43.25
CA TYR A 336 3.36 33.93 -44.31
C TYR A 336 2.71 33.66 -45.64
N ARG A 337 1.43 33.32 -45.65
CA ARG A 337 0.71 33.22 -46.91
C ARG A 337 0.35 34.59 -47.45
N LEU A 338 0.01 35.53 -46.57
CA LEU A 338 -0.29 36.88 -47.02
C LEU A 338 0.94 37.52 -47.64
N LEU A 339 2.12 37.33 -47.05
CA LEU A 339 3.33 37.89 -47.63
C LEU A 339 3.65 37.25 -48.97
N SER A 340 3.22 36.01 -49.17
CA SER A 340 3.40 35.37 -50.47
C SER A 340 2.60 36.10 -51.54
N VAL A 341 1.30 36.29 -51.30
CA VAL A 341 0.43 36.94 -52.27
C VAL A 341 0.91 38.36 -52.55
N LEU A 342 1.24 39.10 -51.50
CA LEU A 342 1.65 40.49 -51.69
C LEU A 342 2.91 40.60 -52.54
N HIS A 343 3.77 39.57 -52.53
CA HIS A 343 5.00 39.67 -53.31
C HIS A 343 4.78 39.37 -54.78
N SER A 344 3.77 38.58 -55.11
CA SER A 344 3.55 38.25 -56.51
C SER A 344 3.06 39.46 -57.31
N GLN A 345 2.41 40.41 -56.65
CA GLN A 345 1.90 41.60 -57.32
C GLN A 345 2.92 42.72 -57.41
N LEU A 346 4.04 42.62 -56.70
CA LEU A 346 5.05 43.68 -56.76
C LEU A 346 5.68 43.79 -58.14
N GLN A 347 5.62 42.73 -58.94
CA GLN A 347 6.22 42.73 -60.27
C GLN A 347 5.66 43.85 -61.15
N SER A 361 -0.21 45.95 -59.98
CA SER A 361 0.61 46.93 -59.28
C SER A 361 -0.01 47.31 -57.95
N LEU A 362 0.84 47.54 -56.95
CA LEU A 362 0.37 48.00 -55.65
C LEU A 362 1.31 49.10 -55.15
N THR A 363 0.74 50.03 -54.39
CA THR A 363 1.47 51.17 -53.88
C THR A 363 1.19 51.32 -52.39
N LEU A 364 1.88 52.28 -51.77
CA LEU A 364 1.77 52.45 -50.32
C LEU A 364 0.31 52.66 -49.90
N ARG A 365 -0.32 53.72 -50.40
CA ARG A 365 -1.72 53.98 -50.09
C ARG A 365 -2.63 52.82 -50.44
N ARG A 366 -2.16 51.86 -51.24
CA ARG A 366 -2.89 50.63 -51.48
C ARG A 366 -2.57 49.55 -50.47
N LEU A 367 -1.37 49.60 -49.88
CA LEU A 367 -1.01 48.59 -48.89
C LEU A 367 -1.84 48.73 -47.62
N LEU A 368 -2.16 49.97 -47.24
CA LEU A 368 -2.85 50.22 -45.98
C LEU A 368 -4.12 49.41 -45.85
N VAL A 369 -4.89 49.29 -46.94
CA VAL A 369 -6.12 48.52 -46.85
C VAL A 369 -5.84 47.03 -46.86
N TRP A 370 -4.80 46.59 -47.57
CA TRP A 370 -4.45 45.17 -47.60
C TRP A 370 -4.05 44.70 -46.21
N THR A 371 -3.23 45.47 -45.52
CA THR A 371 -2.66 45.08 -44.23
C THR A 371 -3.28 45.85 -43.08
N TYR A 372 -4.56 46.16 -43.17
CA TYR A 372 -5.26 46.80 -42.06
C TYR A 372 -5.78 45.80 -41.05
N ASP A 373 -6.13 44.60 -41.50
CA ASP A 373 -6.58 43.57 -40.59
C ASP A 373 -5.42 42.86 -39.89
N PRO A 374 -4.35 42.47 -40.59
CA PRO A 374 -3.25 41.81 -39.89
C PRO A 374 -2.40 42.76 -39.06
N LYS A 375 -2.85 44.01 -38.90
CA LYS A 375 -2.28 44.87 -37.87
C LYS A 375 -3.00 44.73 -36.55
N ILE A 376 -4.09 43.98 -36.52
CA ILE A 376 -4.83 43.71 -35.29
C ILE A 376 -4.48 42.35 -34.73
N ARG A 377 -4.50 41.32 -35.56
CA ARG A 377 -4.09 40.00 -35.11
C ARG A 377 -2.63 40.02 -34.64
N LEU A 378 -1.79 40.79 -35.31
CA LEU A 378 -0.43 41.01 -34.87
C LEU A 378 -0.34 42.07 -33.78
N LYS A 379 -1.47 42.46 -33.19
CA LYS A 379 -1.50 43.33 -32.02
C LYS A 379 -2.16 42.69 -30.83
N THR A 380 -2.94 41.63 -31.02
CA THR A 380 -3.39 40.80 -29.91
C THR A 380 -2.33 39.76 -29.55
N LEU A 381 -1.79 39.08 -30.56
CA LEU A 381 -0.78 38.07 -30.30
C LEU A 381 0.50 38.69 -29.76
N ALA A 382 0.90 39.85 -30.29
CA ALA A 382 2.09 40.51 -29.77
C ALA A 382 1.86 41.13 -28.41
N ALA A 383 0.63 41.15 -27.91
CA ALA A 383 0.32 41.58 -26.56
C ALA A 383 -0.27 40.45 -25.72
N LEU A 384 -0.41 39.26 -26.30
CA LEU A 384 -0.80 38.08 -25.54
C LEU A 384 0.39 37.34 -24.99
N VAL A 385 1.58 37.49 -25.60
CA VAL A 385 2.78 36.84 -25.11
C VAL A 385 3.49 37.64 -24.03
N ASP A 386 3.12 38.90 -23.82
CA ASP A 386 3.70 39.67 -22.73
C ASP A 386 2.91 39.52 -21.44
N HIS A 387 1.58 39.36 -21.54
CA HIS A 387 0.77 39.17 -20.35
C HIS A 387 1.08 37.83 -19.68
N CYS A 388 1.50 36.83 -20.44
CA CYS A 388 1.87 35.53 -19.90
C CYS A 388 3.33 35.27 -20.25
N GLN A 389 4.23 35.81 -19.42
CA GLN A 389 5.67 35.68 -19.63
C GLN A 389 6.26 34.56 -18.79
N GLY A 390 6.11 34.62 -17.48
CA GLY A 390 6.69 33.62 -16.61
C GLY A 390 5.77 32.48 -16.25
N ARG A 391 4.58 32.41 -16.81
CA ARG A 391 3.64 31.36 -16.46
C ARG A 391 3.96 30.09 -17.23
N LYS A 392 4.01 28.98 -16.50
CA LYS A 392 4.21 27.67 -17.10
C LYS A 392 3.17 26.71 -16.56
N GLY A 393 2.93 25.63 -17.29
CA GLY A 393 1.92 24.70 -16.85
C GLY A 393 0.53 25.30 -16.94
N GLY A 394 -0.34 24.88 -16.02
CA GLY A 394 -1.72 25.32 -16.06
C GLY A 394 -1.89 26.80 -15.82
N GLU A 395 -0.95 27.41 -15.09
CA GLU A 395 -1.02 28.85 -14.83
C GLU A 395 -0.94 29.66 -16.11
N LEU A 396 -0.42 29.08 -17.20
CA LEU A 396 -0.42 29.75 -18.48
C LEU A 396 -1.77 29.61 -19.17
N ALA A 397 -2.41 28.44 -19.04
CA ALA A 397 -3.76 28.26 -19.57
C ALA A 397 -4.80 29.05 -18.81
N SER A 398 -4.40 29.69 -17.71
CA SER A 398 -5.26 30.57 -16.94
C SER A 398 -4.99 32.03 -17.21
N ALA A 399 -3.90 32.34 -17.91
CA ALA A 399 -3.56 33.70 -18.28
C ALA A 399 -3.86 34.01 -19.74
N VAL A 400 -4.11 32.99 -20.56
CA VAL A 400 -4.65 33.18 -21.89
C VAL A 400 -6.17 33.02 -21.91
N HIS A 401 -6.77 32.76 -20.75
CA HIS A 401 -8.21 32.84 -20.59
C HIS A 401 -8.69 34.18 -20.08
N ALA A 402 -7.82 34.94 -19.42
CA ALA A 402 -8.14 36.29 -18.98
C ALA A 402 -8.07 37.30 -20.11
N TYR A 403 -7.98 36.85 -21.35
CA TYR A 403 -8.10 37.72 -22.51
C TYR A 403 -9.37 37.45 -23.30
N THR A 404 -10.26 36.61 -22.77
CA THR A 404 -11.54 36.35 -23.40
C THR A 404 -12.61 37.32 -22.93
N LYS A 405 -12.48 37.87 -21.73
CA LYS A 405 -13.42 38.88 -21.23
C LYS A 405 -13.10 40.22 -21.88
N THR A 406 -13.40 40.30 -23.17
CA THR A 406 -13.04 41.49 -23.94
C THR A 406 -14.22 42.04 -24.73
N GLY A 407 -15.11 41.18 -25.20
CA GLY A 407 -16.31 41.63 -25.88
C GLY A 407 -16.14 41.89 -27.37
N ASP A 408 -14.97 42.38 -27.76
CA ASP A 408 -14.65 42.63 -29.16
C ASP A 408 -14.86 41.34 -29.96
N PRO A 409 -15.85 41.29 -30.85
CA PRO A 409 -16.18 40.02 -31.52
C PRO A 409 -15.07 39.46 -32.37
N TYR A 410 -14.07 40.26 -32.73
CA TYR A 410 -12.95 39.79 -33.52
C TYR A 410 -11.84 39.20 -32.66
N MET A 411 -11.62 39.76 -31.46
CA MET A 411 -10.59 39.22 -30.58
C MET A 411 -11.14 38.06 -29.76
N ARG A 412 -12.34 38.19 -29.21
CA ARG A 412 -12.91 37.11 -28.42
C ARG A 412 -13.14 35.84 -29.22
N SER A 413 -13.10 35.90 -30.54
CA SER A 413 -13.19 34.71 -31.37
C SER A 413 -11.85 34.26 -31.91
N LEU A 414 -10.78 34.98 -31.60
CA LEU A 414 -9.43 34.53 -31.89
C LEU A 414 -8.79 33.88 -30.66
N VAL A 415 -8.78 34.60 -29.53
CA VAL A 415 -8.20 34.06 -28.30
C VAL A 415 -9.00 32.85 -27.84
N GLN A 416 -10.32 32.86 -28.04
CA GLN A 416 -11.10 31.68 -27.66
C GLN A 416 -10.84 30.49 -28.54
N HIS A 417 -9.91 30.59 -29.48
CA HIS A 417 -9.41 29.44 -30.22
C HIS A 417 -8.07 28.96 -29.71
N ILE A 418 -7.15 29.88 -29.40
CA ILE A 418 -5.89 29.50 -28.78
C ILE A 418 -6.14 28.84 -27.44
N LEU A 419 -7.18 29.26 -26.72
CA LEU A 419 -7.54 28.57 -25.49
C LEU A 419 -7.97 27.14 -25.76
N SER A 420 -8.60 26.88 -26.91
CA SER A 420 -9.02 25.53 -27.22
C SER A 420 -7.86 24.61 -27.58
N LEU A 421 -6.67 25.16 -27.83
CA LEU A 421 -5.47 24.36 -28.02
C LEU A 421 -4.61 24.29 -26.77
N VAL A 422 -4.47 25.41 -26.06
CA VAL A 422 -3.67 25.43 -24.85
C VAL A 422 -4.29 24.58 -23.76
N SER A 423 -5.61 24.53 -23.69
CA SER A 423 -6.30 23.76 -22.68
C SER A 423 -6.54 22.32 -23.09
N HIS A 424 -5.86 21.85 -24.13
CA HIS A 424 -5.97 20.43 -24.47
C HIS A 424 -5.05 19.58 -23.59
N PRO A 425 -3.78 19.96 -23.37
CA PRO A 425 -2.97 19.16 -22.45
C PRO A 425 -3.51 19.15 -21.03
N VAL A 426 -4.09 20.27 -20.57
CA VAL A 426 -4.66 20.28 -19.23
C VAL A 426 -5.78 19.26 -19.12
N LEU A 427 -6.70 19.27 -20.10
CA LEU A 427 -7.74 18.25 -20.10
C LEU A 427 -7.23 16.88 -20.51
N SER A 428 -5.92 16.71 -20.67
CA SER A 428 -5.36 15.38 -20.86
C SER A 428 -4.96 14.75 -19.54
N PHE A 429 -4.37 15.54 -18.63
CA PHE A 429 -4.12 15.03 -17.29
C PHE A 429 -5.44 14.73 -16.57
N LEU A 430 -6.41 15.65 -16.71
CA LEU A 430 -7.67 15.52 -15.99
C LEU A 430 -8.38 14.24 -16.36
N TYR A 431 -8.52 13.96 -17.64
CA TYR A 431 -9.16 12.71 -18.06
C TYR A 431 -8.28 11.50 -17.78
N ARG A 432 -7.05 11.70 -17.31
CA ARG A 432 -6.17 10.62 -16.89
C ARG A 432 -6.21 10.40 -15.38
N TRP A 433 -6.22 11.49 -14.61
CA TRP A 433 -6.27 11.45 -13.15
C TRP A 433 -7.67 11.18 -12.61
N ILE A 434 -8.67 11.07 -13.47
CA ILE A 434 -10.04 10.83 -13.05
C ILE A 434 -10.48 9.40 -13.32
N TYR A 435 -10.15 8.86 -14.50
CA TYR A 435 -10.57 7.52 -14.86
C TYR A 435 -9.53 6.45 -14.56
N ASP A 436 -8.26 6.83 -14.42
CA ASP A 436 -7.19 5.89 -14.15
C ASP A 436 -6.39 6.20 -12.91
N GLY A 437 -6.41 7.44 -12.42
CA GLY A 437 -5.72 7.77 -11.19
C GLY A 437 -4.22 7.67 -11.27
N GLU A 438 -3.64 7.81 -12.45
CA GLU A 438 -2.20 7.74 -12.65
C GLU A 438 -1.71 9.07 -13.20
N LEU A 439 -1.31 9.97 -12.32
CA LEU A 439 -0.77 11.25 -12.76
C LEU A 439 0.71 11.10 -13.05
N GLU A 440 1.16 11.73 -14.13
CA GLU A 440 2.56 11.65 -14.53
C GLU A 440 2.91 12.97 -15.21
N ASP A 441 3.74 13.77 -14.54
CA ASP A 441 4.21 15.03 -15.11
C ASP A 441 5.54 15.35 -14.44
N THR A 442 6.64 15.09 -15.16
CA THR A 442 7.97 15.41 -14.61
C THR A 442 8.06 16.88 -14.26
N TYR A 443 7.50 17.75 -15.08
CA TYR A 443 7.34 19.15 -14.75
C TYR A 443 6.03 19.32 -14.00
N HIS A 444 6.06 20.10 -12.93
CA HIS A 444 4.88 20.25 -12.06
C HIS A 444 3.90 21.21 -12.74
N GLU A 445 2.90 20.64 -13.40
CA GLU A 445 1.86 21.41 -14.07
C GLU A 445 0.48 21.18 -13.48
N PHE A 446 0.07 19.91 -13.37
CA PHE A 446 -1.23 19.58 -12.81
C PHE A 446 -1.34 20.10 -11.39
N PHE A 447 -2.55 20.50 -11.01
CA PHE A 447 -2.76 21.09 -9.69
C PHE A 447 -2.86 20.04 -8.58
N VAL A 448 -2.70 18.76 -8.91
CA VAL A 448 -2.65 17.70 -7.91
C VAL A 448 -1.19 17.28 -7.76
N ALA A 449 -0.59 17.56 -6.61
CA ALA A 449 0.83 17.32 -6.39
C ALA A 449 0.99 16.15 -5.43
N SER A 450 1.62 15.08 -5.90
CA SER A 450 1.83 13.91 -5.08
C SER A 450 3.07 14.08 -4.20
N ASP A 451 3.23 13.15 -3.25
CA ASP A 451 4.34 13.15 -2.32
C ASP A 451 4.96 11.76 -2.32
N PRO A 452 6.23 11.60 -2.69
CA PRO A 452 6.90 10.29 -2.72
C PRO A 452 6.92 9.60 -1.36
N LEU A 459 -2.27 7.40 3.60
CA LEU A 459 -2.48 7.70 2.19
C LEU A 459 -3.52 8.78 1.99
N TRP A 460 -4.64 8.68 2.71
CA TRP A 460 -5.70 9.67 2.59
C TRP A 460 -5.25 11.03 3.12
N HIS A 461 -4.62 11.05 4.29
CA HIS A 461 -4.30 12.32 4.92
C HIS A 461 -3.18 13.05 4.19
N ASP A 462 -2.25 12.32 3.58
CA ASP A 462 -1.09 12.91 2.95
C ASP A 462 -1.06 12.55 1.47
N LYS A 463 0.04 12.92 0.81
CA LYS A 463 0.40 12.44 -0.52
C LYS A 463 -0.44 13.02 -1.64
N TYR A 464 -1.48 13.79 -1.32
CA TYR A 464 -2.31 14.40 -2.36
C TYR A 464 -2.81 15.73 -1.84
N THR A 465 -2.13 16.81 -2.24
CA THR A 465 -2.45 18.15 -1.80
C THR A 465 -2.74 19.03 -3.00
N LEU A 466 -3.85 19.75 -2.96
CA LEU A 466 -4.21 20.65 -4.05
C LEU A 466 -3.16 21.74 -4.19
N ARG A 467 -2.99 22.23 -5.42
CA ARG A 467 -2.05 23.30 -5.71
C ARG A 467 -2.84 24.56 -6.02
N LYS A 468 -2.80 25.54 -5.10
CA LYS A 468 -3.56 26.76 -5.28
C LYS A 468 -3.07 27.60 -6.45
N SER A 469 -1.88 27.34 -6.97
CA SER A 469 -1.27 28.20 -7.97
C SER A 469 -1.54 27.76 -9.40
N MET A 470 -1.70 26.47 -9.65
CA MET A 470 -1.84 25.95 -11.00
C MET A 470 -3.27 25.51 -11.29
N ILE A 471 -4.26 26.14 -10.68
CA ILE A 471 -5.66 25.87 -11.04
C ILE A 471 -6.07 26.81 -12.18
N PRO A 472 -6.58 26.29 -13.29
CA PRO A 472 -7.00 27.16 -14.38
C PRO A 472 -8.16 28.05 -13.95
N SER A 473 -8.25 29.23 -14.58
CA SER A 473 -9.30 30.16 -14.21
C SER A 473 -10.68 29.62 -14.56
N PHE A 474 -10.79 28.86 -15.66
CA PHE A 474 -12.09 28.35 -16.08
C PHE A 474 -12.54 27.14 -15.28
N MET A 475 -11.97 26.92 -14.10
CA MET A 475 -12.37 25.83 -13.23
C MET A 475 -12.57 26.41 -11.83
N THR A 476 -13.80 26.35 -11.34
CA THR A 476 -14.12 26.95 -10.05
C THR A 476 -13.42 26.20 -8.93
N MET A 477 -13.18 26.91 -7.82
CA MET A 477 -12.39 26.36 -6.73
C MET A 477 -13.04 25.13 -6.11
N ASP A 478 -14.36 25.00 -6.23
CA ASP A 478 -15.03 23.82 -5.70
C ASP A 478 -14.88 22.62 -6.64
N GLN A 479 -14.88 22.86 -7.95
CA GLN A 479 -14.70 21.76 -8.89
C GLN A 479 -13.31 21.15 -8.75
N SER A 480 -12.34 21.93 -8.30
CA SER A 480 -10.98 21.43 -8.13
C SER A 480 -10.84 20.51 -6.92
N ARG A 481 -11.86 20.41 -6.07
CA ARG A 481 -11.85 19.48 -4.96
C ARG A 481 -12.68 18.24 -5.23
N LYS A 482 -13.37 18.18 -6.35
CA LYS A 482 -14.04 16.95 -6.76
C LYS A 482 -13.16 16.08 -7.64
N VAL A 483 -12.12 16.65 -8.27
CA VAL A 483 -11.18 15.83 -9.01
C VAL A 483 -10.13 15.25 -8.08
N LEU A 484 -9.59 16.07 -7.17
CA LEU A 484 -8.62 15.56 -6.20
C LEU A 484 -9.24 14.50 -5.30
N LEU A 485 -10.56 14.49 -5.17
CA LEU A 485 -11.25 13.44 -4.45
C LEU A 485 -11.61 12.27 -5.33
N ILE A 486 -11.74 12.47 -6.65
CA ILE A 486 -12.01 11.36 -7.53
C ILE A 486 -10.73 10.62 -7.86
N GLY A 487 -9.62 11.33 -8.04
CA GLY A 487 -8.36 10.66 -8.27
C GLY A 487 -7.90 9.88 -7.06
N LYS A 488 -7.99 10.48 -5.88
CA LYS A 488 -7.61 9.79 -4.65
C LYS A 488 -8.50 8.58 -4.40
N SER A 489 -9.77 8.65 -4.78
CA SER A 489 -10.67 7.52 -4.58
C SER A 489 -10.28 6.32 -5.42
N ILE A 490 -9.60 6.54 -6.55
CA ILE A 490 -9.20 5.44 -7.40
C ILE A 490 -7.78 4.97 -7.08
N ASN A 491 -6.89 5.91 -6.72
CA ASN A 491 -5.55 5.51 -6.33
C ASN A 491 -5.56 4.71 -5.04
N PHE A 492 -6.44 5.05 -4.12
CA PHE A 492 -6.57 4.30 -2.87
C PHE A 492 -7.32 3.00 -3.09
N LEU A 493 -8.19 2.93 -4.11
CA LEU A 493 -8.91 1.70 -4.39
C LEU A 493 -7.98 0.62 -4.93
N HIS A 494 -6.86 1.02 -5.53
CA HIS A 494 -5.94 0.05 -6.13
C HIS A 494 -4.90 -0.45 -5.15
N GLN A 495 -4.15 0.46 -4.52
CA GLN A 495 -3.02 0.06 -3.70
C GLN A 495 -3.46 -0.59 -2.40
N VAL A 496 -4.17 0.16 -1.55
CA VAL A 496 -4.47 -0.32 -0.21
C VAL A 496 -5.62 -1.32 -0.24
N CYS A 497 -6.74 -0.95 -0.86
CA CYS A 497 -7.89 -1.84 -0.90
C CYS A 497 -7.60 -3.13 -1.68
N HIS A 498 -6.55 -3.14 -2.50
CA HIS A 498 -6.13 -4.32 -3.27
C HIS A 498 -7.25 -4.81 -4.18
N ASP A 499 -7.62 -3.94 -5.12
CA ASP A 499 -8.66 -4.25 -6.10
C ASP A 499 -8.36 -3.47 -7.37
N GLN A 500 -8.67 -4.07 -8.52
CA GLN A 500 -8.41 -3.46 -9.81
C GLN A 500 -9.57 -3.71 -10.74
N THR A 501 -9.81 -2.75 -11.63
CA THR A 501 -10.92 -2.85 -12.58
C THR A 501 -10.41 -3.23 -13.97
N GLU A 527 -18.34 25.16 -19.67
CA GLU A 527 -19.18 24.16 -20.30
C GLU A 527 -20.17 23.58 -19.29
N ASN A 528 -21.17 22.86 -19.79
CA ASN A 528 -22.11 22.14 -18.95
C ASN A 528 -21.97 20.63 -19.04
N ALA A 529 -21.60 20.10 -20.21
CA ALA A 529 -21.29 18.68 -20.30
C ALA A 529 -20.03 18.33 -19.53
N PHE A 530 -19.15 19.31 -19.32
CA PHE A 530 -17.95 19.07 -18.52
C PHE A 530 -18.30 18.92 -17.04
N GLN A 531 -19.18 19.79 -16.53
CA GLN A 531 -19.61 19.66 -15.15
C GLN A 531 -20.32 18.33 -14.92
N GLY A 532 -21.12 17.90 -15.90
CA GLY A 532 -21.79 16.62 -15.78
C GLY A 532 -20.85 15.44 -15.81
N LYS A 533 -19.66 15.61 -16.38
CA LYS A 533 -18.70 14.51 -16.39
C LYS A 533 -18.05 14.31 -15.03
N ILE A 534 -17.77 15.39 -14.33
CA ILE A 534 -17.18 15.28 -12.99
C ILE A 534 -18.16 14.59 -12.05
N ASP A 535 -19.43 15.00 -12.07
CA ASP A 535 -20.41 14.40 -11.19
C ASP A 535 -20.72 12.95 -11.59
N ALA A 536 -20.66 12.65 -12.88
CA ALA A 536 -20.86 11.27 -13.31
C ALA A 536 -19.75 10.36 -12.80
N ALA A 537 -18.51 10.87 -12.76
CA ALA A 537 -17.41 10.09 -12.21
C ALA A 537 -17.40 10.10 -10.69
N TYR A 538 -18.14 11.01 -10.06
CA TYR A 538 -18.19 11.06 -8.61
C TYR A 538 -19.24 10.10 -8.06
N PHE A 539 -20.45 10.15 -8.59
CA PHE A 539 -21.55 9.33 -8.09
C PHE A 539 -21.43 7.89 -8.52
N GLU A 540 -20.32 7.49 -9.13
CA GLU A 540 -20.06 6.11 -9.49
C GLU A 540 -18.83 5.55 -8.79
N THR A 541 -17.73 6.29 -8.75
CA THR A 541 -16.53 5.81 -8.10
C THR A 541 -16.72 5.70 -6.60
N SER A 542 -17.28 6.74 -5.97
CA SER A 542 -17.46 6.73 -4.53
C SER A 542 -18.47 5.67 -4.11
N LYS A 543 -19.58 5.57 -4.84
CA LYS A 543 -20.58 4.54 -4.52
C LYS A 543 -19.99 3.15 -4.64
N TYR A 544 -18.98 2.97 -5.50
CA TYR A 544 -18.32 1.68 -5.61
C TYR A 544 -17.28 1.48 -4.51
N LEU A 545 -16.69 2.57 -4.01
CA LEU A 545 -15.69 2.43 -2.95
C LEU A 545 -16.31 1.92 -1.66
N LEU A 546 -17.57 2.27 -1.39
CA LEU A 546 -18.23 1.77 -0.19
C LEU A 546 -18.59 0.30 -0.34
N ASP A 547 -18.98 -0.12 -1.54
CA ASP A 547 -19.36 -1.52 -1.74
C ASP A 547 -18.19 -2.45 -1.49
N VAL A 548 -17.01 -2.08 -1.99
CA VAL A 548 -15.83 -2.90 -1.74
C VAL A 548 -15.36 -2.77 -0.30
N LEU A 549 -15.74 -1.69 0.39
CA LEU A 549 -15.35 -1.48 1.77
C LEU A 549 -16.37 -2.03 2.76
N ASN A 550 -17.50 -2.55 2.27
CA ASN A 550 -18.48 -3.19 3.13
C ASN A 550 -18.65 -4.68 2.87
N LYS A 551 -18.27 -5.16 1.69
CA LYS A 551 -18.35 -6.58 1.37
C LYS A 551 -17.02 -7.30 1.53
N LYS A 552 -15.92 -6.64 1.20
CA LYS A 552 -14.60 -7.26 1.33
C LYS A 552 -13.97 -6.99 2.68
N TYR A 553 -14.44 -5.99 3.43
CA TYR A 553 -13.88 -5.67 4.72
C TYR A 553 -14.91 -5.43 5.82
N SER A 554 -16.18 -5.23 5.46
CA SER A 554 -17.26 -5.03 6.43
C SER A 554 -16.92 -3.89 7.40
N LEU A 555 -16.76 -2.69 6.83
CA LEU A 555 -16.45 -1.53 7.64
C LEU A 555 -17.56 -1.25 8.65
N LEU A 556 -18.81 -1.49 8.27
CA LEU A 556 -19.92 -1.22 9.17
C LEU A 556 -20.00 -2.27 10.28
N ASP A 557 -19.78 -3.54 9.95
CA ASP A 557 -19.85 -4.60 10.95
C ASP A 557 -18.77 -4.47 12.02
N HIS A 558 -17.79 -3.60 11.83
CA HIS A 558 -16.82 -3.33 12.88
C HIS A 558 -17.27 -2.19 13.79
N MET A 559 -17.95 -1.18 13.25
CA MET A 559 -18.44 -0.10 14.09
C MET A 559 -19.43 -0.62 15.12
N GLN A 560 -20.36 -1.48 14.69
CA GLN A 560 -21.31 -2.06 15.63
C GLN A 560 -20.60 -2.97 16.63
N ALA A 561 -19.64 -3.75 16.16
CA ALA A 561 -18.91 -4.66 17.05
C ALA A 561 -17.93 -3.92 17.94
N MET A 562 -17.52 -2.71 17.57
CA MET A 562 -16.63 -1.93 18.41
C MET A 562 -17.38 -1.14 19.47
N ARG A 563 -18.71 -1.09 19.38
CA ARG A 563 -19.54 -0.53 20.43
C ARG A 563 -19.91 -1.58 21.46
N ARG A 564 -20.14 -2.82 21.04
CA ARG A 564 -20.56 -3.85 21.97
C ARG A 564 -19.48 -4.15 22.99
N TYR A 565 -18.23 -4.23 22.55
CA TYR A 565 -17.14 -4.63 23.44
C TYR A 565 -16.36 -3.43 23.98
N LEU A 566 -15.82 -2.59 23.10
CA LEU A 566 -14.97 -1.50 23.56
C LEU A 566 -15.75 -0.42 24.28
N LEU A 567 -17.07 -0.36 24.10
CA LEU A 567 -17.91 0.63 24.78
C LEU A 567 -18.90 -0.03 25.73
N LEU A 568 -18.64 -1.29 26.11
CA LEU A 568 -19.46 -2.03 27.08
C LEU A 568 -20.90 -2.18 26.63
N GLY A 569 -21.18 -2.00 25.35
CA GLY A 569 -22.53 -2.11 24.85
C GLY A 569 -23.12 -3.50 24.88
N GLN A 570 -22.37 -4.50 25.32
CA GLN A 570 -22.89 -5.87 25.37
C GLN A 570 -23.57 -6.17 26.70
N GLY A 571 -22.96 -5.79 27.82
CA GLY A 571 -23.56 -6.00 29.11
C GLY A 571 -23.50 -7.43 29.59
N ASP A 572 -23.94 -8.37 28.74
CA ASP A 572 -23.90 -9.78 29.11
C ASP A 572 -22.46 -10.27 29.22
N PHE A 573 -21.60 -9.83 28.30
CA PHE A 573 -20.22 -10.29 28.30
C PHE A 573 -19.39 -9.59 29.35
N ILE A 574 -19.60 -8.28 29.55
CA ILE A 574 -18.80 -7.56 30.52
C ILE A 574 -19.18 -7.95 31.94
N ARG A 575 -20.40 -8.45 32.15
CA ARG A 575 -20.77 -8.91 33.48
C ARG A 575 -19.94 -10.11 33.88
N HIS A 576 -19.88 -11.13 33.02
CA HIS A 576 -19.09 -12.31 33.33
C HIS A 576 -17.61 -11.98 33.40
N LEU A 577 -17.16 -10.97 32.65
CA LEU A 577 -15.74 -10.64 32.63
C LEU A 577 -15.30 -9.93 33.91
N MET A 578 -16.23 -9.29 34.61
CA MET A 578 -15.88 -8.66 35.87
C MET A 578 -15.90 -9.65 37.03
N ASP A 579 -16.53 -10.81 36.86
CA ASP A 579 -16.50 -11.81 37.92
C ASP A 579 -15.24 -12.67 37.85
N LEU A 580 -14.64 -12.81 36.67
CA LEU A 580 -13.46 -13.64 36.54
C LEU A 580 -12.18 -12.86 36.83
N LEU A 581 -12.14 -11.58 36.51
CA LEU A 581 -10.97 -10.76 36.81
C LEU A 581 -10.92 -10.30 38.25
N LYS A 582 -11.93 -10.61 39.05
CA LYS A 582 -11.92 -10.18 40.45
C LYS A 582 -10.77 -10.79 41.24
N PRO A 583 -10.53 -12.11 41.20
CA PRO A 583 -9.42 -12.66 42.00
C PRO A 583 -8.05 -12.25 41.50
N GLU A 584 -7.93 -11.72 40.29
CA GLU A 584 -6.64 -11.39 39.72
C GLU A 584 -6.23 -9.95 40.00
N LEU A 585 -7.11 -8.99 39.69
CA LEU A 585 -6.75 -7.59 39.73
C LEU A 585 -6.57 -7.06 41.15
N VAL A 586 -7.03 -7.81 42.16
CA VAL A 586 -6.87 -7.34 43.54
C VAL A 586 -5.39 -7.32 43.92
N ARG A 587 -4.58 -8.15 43.28
CA ARG A 587 -3.15 -8.15 43.53
C ARG A 587 -2.50 -6.91 42.92
N PRO A 588 -1.32 -6.52 43.41
CA PRO A 588 -0.62 -5.37 42.81
C PRO A 588 -0.21 -5.68 41.38
N ALA A 589 0.11 -4.61 40.64
CA ALA A 589 0.39 -4.73 39.22
C ALA A 589 1.71 -5.44 38.94
N THR A 590 2.63 -5.45 39.90
CA THR A 590 3.96 -6.03 39.65
C THR A 590 3.88 -7.52 39.39
N THR A 591 2.93 -8.21 40.02
CA THR A 591 2.76 -9.64 39.83
C THR A 591 1.83 -9.98 38.68
N LEU A 592 1.45 -8.99 37.87
CA LEU A 592 0.51 -9.18 36.78
C LEU A 592 1.26 -9.25 35.46
N TYR A 593 0.98 -10.28 34.68
CA TYR A 593 1.59 -10.47 33.37
C TYR A 593 0.51 -10.79 32.35
N GLN A 594 0.65 -10.20 31.16
CA GLN A 594 -0.44 -10.21 30.19
C GLN A 594 -0.80 -11.62 29.75
N HIS A 595 0.20 -12.50 29.63
CA HIS A 595 -0.05 -13.83 29.06
C HIS A 595 -1.02 -14.66 29.88
N ASN A 596 -1.32 -14.27 31.11
CA ASN A 596 -2.24 -15.02 31.95
C ASN A 596 -3.69 -14.58 31.74
N LEU A 597 -3.92 -13.29 31.51
CA LEU A 597 -5.28 -12.78 31.43
C LEU A 597 -5.98 -13.21 30.15
N THR A 598 -5.23 -13.46 29.07
CA THR A 598 -5.84 -13.80 27.80
C THR A 598 -6.67 -15.07 27.90
N GLY A 599 -6.20 -16.04 28.69
CA GLY A 599 -7.00 -17.25 28.91
C GLY A 599 -8.31 -16.97 29.61
N ILE A 600 -8.35 -15.92 30.43
CA ILE A 600 -9.59 -15.56 31.11
C ILE A 600 -10.55 -14.88 30.14
N LEU A 601 -10.04 -13.92 29.36
CA LEU A 601 -10.87 -13.26 28.36
C LEU A 601 -11.44 -14.27 27.38
N GLU A 602 -10.61 -15.18 26.88
CA GLU A 602 -11.10 -16.20 25.96
C GLU A 602 -12.16 -17.07 26.60
N THR A 603 -12.07 -17.29 27.91
CA THR A 603 -13.09 -18.10 28.59
C THR A 603 -14.43 -17.37 28.63
N ALA A 604 -14.40 -16.05 28.85
CA ALA A 604 -15.66 -15.30 28.92
C ALA A 604 -16.37 -15.29 27.57
N VAL A 605 -15.64 -15.09 26.48
CA VAL A 605 -16.26 -15.06 25.16
C VAL A 605 -16.89 -16.40 24.82
N ARG A 606 -16.39 -17.48 25.42
CA ARG A 606 -16.99 -18.78 25.18
C ARG A 606 -18.20 -19.05 26.05
N ALA A 607 -18.29 -18.39 27.21
CA ALA A 607 -19.38 -18.63 28.15
C ALA A 607 -20.60 -17.77 27.86
N THR A 608 -20.39 -16.48 27.64
CA THR A 608 -21.49 -15.54 27.42
C THR A 608 -22.04 -15.70 26.01
N ASN A 609 -22.95 -14.80 25.63
CA ASN A 609 -23.56 -14.84 24.31
C ASN A 609 -22.64 -14.31 23.21
N ALA A 610 -21.45 -13.81 23.57
CA ALA A 610 -20.53 -13.29 22.56
C ALA A 610 -19.89 -14.38 21.72
N GLN A 611 -20.17 -15.67 22.00
CA GLN A 611 -19.60 -16.72 21.19
C GLN A 611 -20.22 -16.77 19.80
N PHE A 612 -21.54 -16.55 19.71
CA PHE A 612 -22.22 -16.49 18.43
C PHE A 612 -21.89 -15.15 17.78
N ASP A 613 -20.74 -15.11 17.11
CA ASP A 613 -20.22 -13.85 16.58
C ASP A 613 -19.26 -14.14 15.45
N SER A 614 -19.05 -13.15 14.60
CA SER A 614 -18.17 -13.30 13.45
C SER A 614 -16.75 -13.62 13.92
N PRO A 615 -16.12 -14.67 13.39
CA PRO A 615 -14.77 -15.01 13.85
C PRO A 615 -13.74 -13.95 13.52
N GLU A 616 -13.97 -13.14 12.50
CA GLU A 616 -12.98 -12.14 12.10
C GLU A 616 -12.84 -11.07 13.17
N ILE A 617 -13.94 -10.47 13.60
CA ILE A 617 -13.89 -9.41 14.61
C ILE A 617 -13.40 -9.93 15.95
N LEU A 618 -13.58 -11.21 16.23
CA LEU A 618 -13.05 -11.80 17.45
C LEU A 618 -11.55 -12.05 17.39
N ARG A 619 -10.95 -12.00 16.20
CA ARG A 619 -9.51 -12.16 16.09
C ARG A 619 -8.77 -10.93 16.58
N ARG A 620 -9.40 -9.76 16.51
CA ARG A 620 -8.75 -8.52 16.90
C ARG A 620 -8.99 -8.13 18.36
N LEU A 621 -10.03 -8.68 18.98
CA LEU A 621 -10.36 -8.34 20.36
C LEU A 621 -9.35 -8.96 21.30
N ASP A 622 -8.49 -8.14 21.89
CA ASP A 622 -7.49 -8.65 22.83
C ASP A 622 -7.37 -7.75 24.05
N VAL A 623 -6.33 -7.96 24.83
CA VAL A 623 -6.07 -7.19 26.04
C VAL A 623 -4.82 -6.34 25.83
N ARG A 624 -4.69 -5.29 26.64
CA ARG A 624 -3.47 -4.52 26.72
C ARG A 624 -3.31 -4.01 28.14
N LEU A 625 -2.07 -3.82 28.57
CA LEU A 625 -1.76 -3.40 29.93
C LEU A 625 -1.20 -1.99 29.90
N LEU A 626 -1.93 -1.06 30.52
CA LEU A 626 -1.50 0.32 30.57
C LEU A 626 -0.39 0.49 31.60
N GLU A 627 0.56 1.37 31.30
CA GLU A 627 1.64 1.68 32.22
C GLU A 627 1.81 3.18 32.39
N ASP A 632 0.21 0.98 42.31
CA ASP A 632 -0.90 0.71 41.41
C ASP A 632 -1.58 -0.61 41.76
N THR A 633 -2.66 -0.92 41.05
CA THR A 633 -3.42 -2.14 41.29
C THR A 633 -3.96 -2.65 39.96
N GLY A 634 -4.37 -3.92 39.94
CA GLY A 634 -4.90 -4.52 38.73
C GLY A 634 -6.11 -3.81 38.17
N TRP A 635 -6.84 -3.06 38.99
CA TRP A 635 -7.98 -2.29 38.52
C TRP A 635 -7.58 -0.91 37.98
N ASP A 636 -6.30 -0.68 37.75
CA ASP A 636 -5.82 0.58 37.21
C ASP A 636 -5.06 0.41 35.91
N VAL A 637 -4.70 -0.80 35.51
CA VAL A 637 -3.90 -1.03 34.32
C VAL A 637 -4.55 -1.97 33.32
N PHE A 638 -5.75 -2.46 33.60
CA PHE A 638 -6.42 -3.37 32.67
C PHE A 638 -7.32 -2.58 31.73
N SER A 639 -7.34 -2.98 30.46
CA SER A 639 -8.17 -2.35 29.44
C SER A 639 -8.09 -3.18 28.16
N LEU A 640 -9.16 -3.13 27.38
CA LEU A 640 -9.21 -3.78 26.08
C LEU A 640 -8.71 -2.84 24.99
N ASP A 641 -8.26 -3.41 23.90
CA ASP A 641 -7.63 -2.62 22.84
C ASP A 641 -8.39 -2.69 21.52
N TYR A 642 -8.66 -3.88 21.00
CA TYR A 642 -9.27 -4.05 19.68
C TYR A 642 -8.45 -3.31 18.62
N HIS A 643 -7.22 -3.78 18.42
CA HIS A 643 -6.35 -3.19 17.42
C HIS A 643 -6.88 -3.47 16.02
N VAL A 644 -6.75 -2.48 15.13
CA VAL A 644 -7.24 -2.58 13.76
C VAL A 644 -6.17 -2.04 12.82
N ASP A 645 -5.82 -2.84 11.82
CA ASP A 645 -4.83 -2.47 10.81
C ASP A 645 -5.35 -2.85 9.44
N GLY A 646 -4.91 -2.09 8.43
CA GLY A 646 -5.29 -2.36 7.07
C GLY A 646 -6.08 -1.23 6.44
N PRO A 647 -6.98 -1.58 5.51
CA PRO A 647 -7.82 -0.53 4.90
C PRO A 647 -8.80 0.07 5.87
N ILE A 648 -9.26 -0.69 6.86
CA ILE A 648 -10.18 -0.17 7.84
C ILE A 648 -9.50 0.83 8.75
N ALA A 649 -8.17 0.86 8.75
CA ALA A 649 -7.44 1.77 9.63
C ALA A 649 -7.49 3.22 9.17
N THR A 650 -8.03 3.51 7.99
CA THR A 650 -8.16 4.90 7.57
C THR A 650 -9.40 5.57 8.14
N VAL A 651 -10.25 4.83 8.84
CA VAL A 651 -11.41 5.42 9.49
C VAL A 651 -11.11 5.75 10.95
N PHE A 652 -10.20 5.00 11.58
CA PHE A 652 -9.88 5.17 12.99
C PHE A 652 -8.59 5.95 13.22
N THR A 653 -7.57 5.72 12.40
CA THR A 653 -6.44 6.65 12.23
C THR A 653 -5.73 6.94 13.55
N ARG A 654 -5.64 5.94 14.42
CA ARG A 654 -4.76 6.01 15.60
C ARG A 654 -5.23 7.07 16.59
N GLU A 655 -6.26 7.83 16.22
CA GLU A 655 -6.85 8.81 17.14
C GLU A 655 -8.16 8.33 17.74
N CYS A 656 -8.98 7.63 16.95
CA CYS A 656 -10.15 7.00 17.51
C CYS A 656 -9.79 5.88 18.47
N MET A 657 -8.63 5.26 18.28
CA MET A 657 -8.13 4.29 19.25
C MET A 657 -7.45 4.95 20.43
N SER A 658 -7.12 6.23 20.33
CA SER A 658 -6.63 6.98 21.48
C SER A 658 -7.74 7.74 22.20
N HIS A 659 -8.95 7.75 21.64
CA HIS A 659 -10.11 8.32 22.31
C HIS A 659 -10.96 7.25 22.98
N TYR A 660 -11.10 6.09 22.35
CA TYR A 660 -11.88 5.02 22.94
C TYR A 660 -11.30 4.59 24.29
N LEU A 661 -9.99 4.38 24.35
CA LEU A 661 -9.37 4.07 25.63
C LEU A 661 -9.50 5.22 26.61
N ARG A 662 -9.55 6.46 26.11
CA ARG A 662 -9.84 7.59 26.99
C ARG A 662 -11.26 7.52 27.50
N VAL A 663 -12.16 6.89 26.75
CA VAL A 663 -13.54 6.70 27.21
C VAL A 663 -13.66 5.43 28.05
N PHE A 664 -12.99 4.36 27.61
CA PHE A 664 -13.18 3.06 28.27
C PHE A 664 -12.81 3.11 29.75
N ASN A 665 -11.89 4.01 30.13
CA ASN A 665 -11.56 4.12 31.54
C ASN A 665 -12.75 4.62 32.35
N PHE A 666 -13.50 5.58 31.81
CA PHE A 666 -14.64 6.12 32.53
C PHE A 666 -15.79 5.12 32.60
N LEU A 667 -15.95 4.29 31.58
CA LEU A 667 -17.00 3.27 31.62
C LEU A 667 -16.59 2.06 32.44
N TRP A 668 -15.28 1.85 32.65
CA TRP A 668 -14.85 0.75 33.50
C TRP A 668 -14.98 1.12 34.97
N ARG A 669 -14.61 2.35 35.32
CA ARG A 669 -14.76 2.79 36.71
C ARG A 669 -16.22 2.81 37.12
N ALA A 670 -17.07 3.45 36.31
CA ALA A 670 -18.49 3.49 36.61
C ALA A 670 -19.16 2.13 36.49
N LYS A 671 -18.41 1.08 36.17
CA LYS A 671 -18.95 -0.27 36.17
C LYS A 671 -18.51 -1.08 37.37
N ARG A 672 -17.31 -0.83 37.90
CA ARG A 672 -16.90 -1.49 39.14
C ARG A 672 -17.47 -0.77 40.36
N MET A 673 -17.71 0.54 40.26
CA MET A 673 -18.38 1.25 41.34
C MET A 673 -19.84 0.85 41.47
N GLU A 674 -20.37 0.11 40.52
CA GLU A 674 -21.73 -0.42 40.63
C GLU A 674 -21.76 -1.87 41.10
N TYR A 675 -20.85 -2.71 40.60
CA TYR A 675 -20.82 -4.09 41.06
C TYR A 675 -20.31 -4.20 42.49
N ILE A 676 -19.67 -3.17 43.00
CA ILE A 676 -19.39 -3.10 44.43
C ILE A 676 -20.68 -2.85 45.21
N LEU A 677 -21.49 -1.90 44.72
CA LEU A 677 -22.70 -1.51 45.43
C LEU A 677 -23.84 -2.52 45.28
N THR A 678 -23.73 -3.47 44.37
CA THR A 678 -24.65 -4.60 44.37
C THR A 678 -24.09 -5.80 45.13
N ASP A 679 -22.81 -5.76 45.50
CA ASP A 679 -22.27 -6.76 46.40
C ASP A 679 -22.60 -6.42 47.85
N ILE A 680 -22.43 -5.15 48.22
CA ILE A 680 -22.86 -4.69 49.54
C ILE A 680 -24.35 -4.96 49.72
N ARG A 681 -25.17 -4.51 48.77
CA ARG A 681 -26.60 -4.73 48.84
C ARG A 681 -26.96 -6.21 48.82
N LYS A 682 -26.05 -7.07 48.38
CA LYS A 682 -26.26 -8.50 48.51
C LYS A 682 -25.86 -8.99 49.89
N GLY A 683 -24.80 -8.42 50.47
CA GLY A 683 -24.41 -8.80 51.81
C GLY A 683 -25.50 -8.55 52.83
N HIS A 684 -26.17 -7.41 52.73
CA HIS A 684 -27.20 -7.05 53.70
C HIS A 684 -28.41 -7.97 53.63
N MET A 685 -28.67 -8.60 52.48
CA MET A 685 -29.79 -9.53 52.41
C MET A 685 -29.45 -10.86 53.07
N CYS A 686 -28.18 -11.20 53.16
CA CYS A 686 -27.74 -12.37 53.92
C CYS A 686 -27.22 -11.99 55.30
N ASN A 687 -26.96 -10.71 55.54
CA ASN A 687 -26.55 -10.26 56.87
C ASN A 687 -27.69 -10.41 57.87
N ALA A 688 -28.79 -9.70 57.63
CA ALA A 688 -29.91 -9.70 58.57
C ALA A 688 -30.54 -11.07 58.74
N LYS A 689 -30.22 -12.04 57.88
CA LYS A 689 -30.74 -13.39 58.06
C LYS A 689 -29.97 -14.18 59.12
N LEU A 690 -28.94 -13.61 59.71
CA LEU A 690 -28.15 -14.27 60.74
C LEU A 690 -28.27 -13.57 62.09
N LEU A 691 -27.96 -12.28 62.16
CA LEU A 691 -27.90 -11.55 63.41
C LEU A 691 -29.19 -10.77 63.69
N ARG A 692 -30.33 -11.31 63.27
CA ARG A 692 -31.63 -10.69 63.58
C ARG A 692 -32.07 -10.94 65.01
N ASN A 693 -31.22 -11.54 65.85
CA ASN A 693 -31.57 -11.83 67.23
C ASN A 693 -30.90 -10.90 68.23
N MET A 694 -30.15 -9.90 67.76
CA MET A 694 -29.45 -8.96 68.64
C MET A 694 -30.10 -7.59 68.52
N PRO A 695 -31.12 -7.29 69.31
CA PRO A 695 -31.83 -6.01 69.16
C PRO A 695 -31.01 -4.79 69.55
N GLU A 696 -29.83 -4.97 70.13
CA GLU A 696 -28.96 -3.86 70.47
C GLU A 696 -28.04 -3.44 69.33
N PHE A 697 -27.98 -4.23 68.26
CA PHE A 697 -27.10 -3.93 67.14
C PHE A 697 -27.83 -3.32 65.95
N SER A 698 -29.16 -3.50 65.85
CA SER A 698 -29.90 -2.95 64.73
C SER A 698 -29.97 -1.43 64.76
N GLY A 699 -29.71 -0.81 65.91
CA GLY A 699 -29.71 0.64 65.97
C GLY A 699 -28.60 1.25 65.14
N VAL A 700 -27.42 0.64 65.17
CA VAL A 700 -26.30 1.12 64.35
C VAL A 700 -26.24 0.41 63.00
N LEU A 701 -26.78 -0.80 62.89
CA LEU A 701 -26.84 -1.46 61.59
C LEU A 701 -27.75 -0.71 60.63
N HIS A 702 -28.73 0.03 61.17
CA HIS A 702 -29.67 0.74 60.31
C HIS A 702 -28.98 1.84 59.52
N GLN A 703 -28.11 2.61 60.17
CA GLN A 703 -27.37 3.65 59.46
C GLN A 703 -26.51 3.06 58.35
N CYS A 704 -26.18 1.77 58.42
CA CYS A 704 -25.46 1.11 57.35
C CYS A 704 -26.34 0.85 56.14
N HIS A 705 -27.66 0.72 56.34
CA HIS A 705 -28.56 0.47 55.22
C HIS A 705 -28.92 1.77 54.51
N ILE A 706 -29.30 2.80 55.27
CA ILE A 706 -29.72 4.07 54.67
C ILE A 706 -28.60 4.67 53.85
N LEU A 707 -27.37 4.66 54.38
CA LEU A 707 -26.24 5.18 53.62
C LEU A 707 -26.01 4.39 52.34
N ALA A 708 -26.36 3.10 52.34
CA ALA A 708 -26.24 2.31 51.12
C ALA A 708 -27.30 2.73 50.10
N SER A 709 -28.57 2.70 50.50
CA SER A 709 -29.64 3.04 49.58
C SER A 709 -29.60 4.51 49.14
N GLU A 710 -28.92 5.37 49.89
CA GLU A 710 -28.66 6.72 49.42
C GLU A 710 -27.47 6.80 48.48
N MET A 711 -26.55 5.85 48.56
CA MET A 711 -25.38 5.83 47.70
C MET A 711 -25.64 5.09 46.40
N VAL A 712 -26.43 4.02 46.44
CA VAL A 712 -26.71 3.27 45.23
C VAL A 712 -27.59 4.06 44.27
N HIS A 713 -28.38 5.00 44.78
CA HIS A 713 -29.17 5.86 43.91
C HIS A 713 -28.29 6.72 43.02
N PHE A 714 -27.30 7.40 43.62
CA PHE A 714 -26.44 8.27 42.85
C PHE A 714 -25.70 7.52 41.76
N ILE A 715 -25.38 6.25 41.98
CA ILE A 715 -24.67 5.46 40.98
C ILE A 715 -25.64 4.82 40.00
N HIS A 716 -26.71 4.20 40.51
CA HIS A 716 -27.67 3.56 39.62
C HIS A 716 -28.44 4.55 38.77
N GLN A 717 -28.38 5.85 39.09
CA GLN A 717 -28.96 6.87 38.24
C GLN A 717 -27.97 7.36 37.19
N MET A 718 -26.71 7.55 37.58
CA MET A 718 -25.70 7.96 36.60
C MET A 718 -25.52 6.91 35.52
N GLN A 719 -25.79 5.64 35.83
CA GLN A 719 -25.74 4.60 34.81
C GLN A 719 -26.76 4.86 33.71
N TYR A 720 -27.93 5.37 34.08
CA TYR A 720 -28.96 5.63 33.07
C TYR A 720 -28.58 6.80 32.19
N TYR A 721 -28.03 7.87 32.77
CA TYR A 721 -27.58 8.98 31.95
C TYR A 721 -26.47 8.54 31.00
N ILE A 722 -25.71 7.52 31.38
CA ILE A 722 -24.70 7.00 30.47
C ILE A 722 -25.35 6.22 29.34
N THR A 723 -26.43 5.49 29.63
CA THR A 723 -27.05 4.66 28.61
C THR A 723 -27.89 5.47 27.65
N PHE A 724 -28.82 6.27 28.17
CA PHE A 724 -29.83 6.91 27.35
C PHE A 724 -29.39 8.25 26.77
N GLU A 725 -28.68 9.06 27.54
CA GLU A 725 -28.36 10.42 27.12
C GLU A 725 -26.94 10.57 26.57
N VAL A 726 -26.13 9.50 26.57
CA VAL A 726 -24.78 9.54 26.06
C VAL A 726 -24.57 8.48 24.98
N LEU A 727 -24.94 7.24 25.26
CA LEU A 727 -24.74 6.17 24.28
C LEU A 727 -25.90 6.06 23.29
N GLU A 728 -27.10 5.81 23.79
CA GLU A 728 -28.22 5.55 22.88
C GLU A 728 -28.64 6.78 22.10
N CYS A 729 -28.30 7.98 22.57
CA CYS A 729 -28.66 9.21 21.86
C CYS A 729 -27.58 9.68 20.90
N SER A 730 -26.31 9.63 21.30
CA SER A 730 -25.25 10.07 20.41
C SER A 730 -24.89 9.03 19.37
N TRP A 731 -25.22 7.77 19.60
CA TRP A 731 -25.04 6.76 18.57
C TRP A 731 -26.13 6.81 17.51
N ASP A 732 -27.32 7.30 17.88
CA ASP A 732 -28.41 7.37 16.93
C ASP A 732 -28.12 8.43 15.85
N GLU A 733 -27.48 9.52 16.24
CA GLU A 733 -27.07 10.53 15.26
C GLU A 733 -25.90 10.07 14.41
N LEU A 734 -25.33 8.90 14.68
CA LEU A 734 -24.27 8.35 13.85
C LEU A 734 -24.81 7.34 12.85
N TRP A 735 -25.65 6.40 13.30
CA TRP A 735 -26.25 5.46 12.38
C TRP A 735 -27.25 6.12 11.45
N ASN A 736 -27.65 7.35 11.73
CA ASN A 736 -28.52 8.09 10.83
C ASN A 736 -27.74 8.83 9.75
N LYS A 737 -26.51 9.27 10.07
CA LYS A 737 -25.65 9.93 9.11
C LYS A 737 -24.64 8.98 8.49
N VAL A 738 -24.97 7.69 8.43
CA VAL A 738 -24.16 6.68 7.76
C VAL A 738 -24.96 5.93 6.71
N GLN A 739 -26.18 5.51 7.06
CA GLN A 739 -27.06 4.89 6.08
C GLN A 739 -27.49 5.84 4.97
N GLN A 740 -27.20 7.13 5.10
CA GLN A 740 -27.49 8.10 4.07
C GLN A 740 -26.25 8.81 3.52
N ALA A 741 -25.11 8.68 4.18
CA ALA A 741 -23.88 9.29 3.71
C ALA A 741 -23.29 8.45 2.58
N GLN A 742 -22.14 8.89 2.07
CA GLN A 742 -21.44 8.19 0.99
C GLN A 742 -20.03 8.76 0.89
N ASP A 743 -19.33 8.37 -0.17
CA ASP A 743 -17.99 8.84 -0.55
C ASP A 743 -16.97 8.75 0.58
N LEU A 744 -17.28 8.01 1.65
CA LEU A 744 -16.33 7.67 2.71
C LEU A 744 -15.74 8.90 3.38
N ASP A 745 -16.15 10.09 2.96
CA ASP A 745 -15.72 11.32 3.61
C ASP A 745 -16.83 11.99 4.37
N HIS A 746 -18.08 11.55 4.19
CA HIS A 746 -19.16 11.84 5.11
C HIS A 746 -19.28 10.79 6.19
N ILE A 747 -18.56 9.68 6.06
CA ILE A 747 -18.52 8.67 7.13
C ILE A 747 -17.47 9.03 8.16
N ILE A 748 -16.28 9.43 7.71
CA ILE A 748 -15.23 9.85 8.65
C ILE A 748 -15.70 11.05 9.46
N ALA A 749 -16.31 12.02 8.79
CA ALA A 749 -16.75 13.22 9.50
C ALA A 749 -17.96 12.94 10.38
N ALA A 750 -18.70 11.88 10.11
CA ALA A 750 -19.80 11.49 10.99
C ALA A 750 -19.33 10.65 12.17
N HIS A 751 -18.24 9.90 11.98
CA HIS A 751 -17.65 9.13 13.06
C HIS A 751 -16.68 9.94 13.90
N GLU A 752 -16.11 11.01 13.34
CA GLU A 752 -15.19 11.84 14.11
C GLU A 752 -15.94 12.71 15.10
N VAL A 753 -17.09 13.26 14.69
CA VAL A 753 -17.89 14.05 15.62
C VAL A 753 -18.61 13.16 16.63
N PHE A 754 -18.80 11.88 16.30
CA PHE A 754 -19.36 10.93 17.26
C PHE A 754 -18.44 10.70 18.44
N LEU A 755 -17.15 10.99 18.30
CA LEU A 755 -16.22 10.93 19.41
C LEU A 755 -15.96 12.28 20.04
N ASP A 756 -16.50 13.36 19.48
CA ASP A 756 -16.36 14.66 20.11
C ASP A 756 -17.55 15.01 20.99
N THR A 757 -18.67 14.31 20.85
CA THR A 757 -19.79 14.51 21.76
C THR A 757 -19.71 13.61 22.98
N ILE A 758 -19.30 12.35 22.80
CA ILE A 758 -19.17 11.46 23.95
C ILE A 758 -18.11 11.97 24.91
N ILE A 759 -17.00 12.49 24.38
CA ILE A 759 -16.01 13.13 25.25
C ILE A 759 -16.59 14.36 25.91
N SER A 760 -17.52 15.03 25.24
CA SER A 760 -18.14 16.23 25.81
C SER A 760 -19.31 15.89 26.70
N ARG A 761 -20.14 14.91 26.33
CA ARG A 761 -21.29 14.56 27.16
C ARG A 761 -20.85 13.86 28.44
N CYS A 762 -19.88 12.95 28.33
CA CYS A 762 -19.16 12.54 29.52
C CYS A 762 -18.25 13.68 29.97
N LEU A 763 -17.78 13.60 31.21
CA LEU A 763 -17.06 14.70 31.80
C LEU A 763 -15.56 14.66 31.50
N LEU A 764 -15.16 14.01 30.40
CA LEU A 764 -13.76 13.88 30.04
C LEU A 764 -13.26 15.02 29.17
N ASP A 765 -13.90 16.18 29.23
CA ASP A 765 -13.49 17.32 28.43
C ASP A 765 -12.20 17.92 28.99
N SER A 766 -11.79 19.03 28.38
CA SER A 766 -10.60 19.75 28.84
C SER A 766 -10.94 20.87 29.82
N ASP A 767 -12.04 21.58 29.58
CA ASP A 767 -12.46 22.66 30.46
C ASP A 767 -13.41 22.21 31.56
N SER A 768 -13.87 20.96 31.54
CA SER A 768 -14.69 20.41 32.59
C SER A 768 -13.87 19.64 33.62
N ARG A 769 -12.60 20.03 33.80
CA ARG A 769 -11.71 19.30 34.69
C ARG A 769 -12.20 19.38 36.13
N ALA A 770 -12.66 20.55 36.56
CA ALA A 770 -13.14 20.71 37.93
C ALA A 770 -14.31 19.81 38.24
N LEU A 771 -15.04 19.35 37.23
CA LEU A 771 -16.20 18.50 37.46
C LEU A 771 -15.81 17.04 37.68
N LEU A 772 -14.86 16.53 36.90
CA LEU A 772 -14.51 15.12 37.01
C LEU A 772 -13.77 14.82 38.31
N ASN A 773 -12.80 15.66 38.66
CA ASN A 773 -12.10 15.50 39.93
C ASN A 773 -13.05 15.61 41.11
N GLN A 774 -14.15 16.35 40.94
CA GLN A 774 -15.17 16.38 41.96
C GLN A 774 -15.94 15.07 42.02
N LEU A 775 -16.15 14.42 40.88
CA LEU A 775 -16.85 13.14 40.86
C LEU A 775 -16.00 12.04 41.48
N ARG A 776 -14.69 12.10 41.29
CA ARG A 776 -13.82 11.04 41.81
C ARG A 776 -13.94 10.91 43.32
N ALA A 777 -14.09 12.03 44.02
CA ALA A 777 -14.26 11.98 45.47
C ALA A 777 -15.48 11.16 45.85
N VAL A 778 -16.57 11.28 45.08
CA VAL A 778 -17.75 10.47 45.33
C VAL A 778 -17.48 9.01 45.01
N PHE A 779 -16.68 8.76 43.97
CA PHE A 779 -16.27 7.39 43.68
C PHE A 779 -15.42 6.81 44.81
N ASP A 780 -14.68 7.66 45.52
CA ASP A 780 -13.85 7.16 46.61
C ASP A 780 -14.67 6.84 47.84
N GLN A 781 -15.69 7.65 48.14
CA GLN A 781 -16.50 7.42 49.33
C GLN A 781 -17.24 6.09 49.26
N ILE A 782 -17.45 5.54 48.06
CA ILE A 782 -18.08 4.24 47.95
C ILE A 782 -17.13 3.15 48.44
N ILE A 783 -15.83 3.33 48.21
CA ILE A 783 -14.86 2.34 48.65
C ILE A 783 -14.69 2.39 50.16
N GLU A 784 -14.62 3.61 50.73
CA GLU A 784 -14.42 3.74 52.17
C GLU A 784 -15.58 3.16 52.94
N LEU A 785 -16.79 3.22 52.39
CA LEU A 785 -17.92 2.54 53.03
C LEU A 785 -17.70 1.03 53.00
N GLN A 786 -17.27 0.49 51.86
CA GLN A 786 -17.06 -0.94 51.74
C GLN A 786 -15.92 -1.44 52.62
N ASN A 787 -15.05 -0.54 53.08
CA ASN A 787 -14.02 -0.90 54.04
C ASN A 787 -14.49 -0.73 55.48
N ALA A 788 -15.28 0.31 55.76
CA ALA A 788 -15.83 0.52 57.09
C ALA A 788 -17.08 -0.30 57.34
N GLN A 789 -17.51 -1.13 56.38
CA GLN A 789 -18.70 -1.95 56.58
C GLN A 789 -18.33 -3.33 57.10
N ASP A 790 -17.48 -4.05 56.35
CA ASP A 790 -17.08 -5.38 56.77
C ASP A 790 -16.35 -5.37 58.11
N ALA A 791 -15.69 -4.26 58.46
CA ALA A 791 -15.12 -4.15 59.80
C ALA A 791 -16.21 -4.15 60.86
N ILE A 792 -17.31 -3.42 60.62
CA ILE A 792 -18.43 -3.45 61.53
C ILE A 792 -19.23 -4.73 61.35
N TYR A 793 -19.20 -5.32 60.16
CA TYR A 793 -19.92 -6.56 59.91
C TYR A 793 -19.24 -7.74 60.59
N ARG A 794 -17.94 -7.91 60.35
CA ARG A 794 -17.23 -9.06 60.91
C ARG A 794 -17.15 -8.99 62.43
N ALA A 795 -16.98 -7.78 62.98
CA ALA A 795 -16.90 -7.63 64.43
C ALA A 795 -18.17 -8.10 65.13
N ALA A 796 -19.30 -8.12 64.43
CA ALA A 796 -20.53 -8.64 64.99
C ALA A 796 -20.68 -10.13 64.80
N LEU A 797 -20.02 -10.72 63.79
CA LEU A 797 -20.09 -12.16 63.61
C LEU A 797 -19.16 -12.90 64.57
N GLU A 798 -18.04 -12.30 64.94
CA GLU A 798 -17.16 -12.92 65.94
C GLU A 798 -17.88 -12.99 67.29
N GLU A 799 -18.43 -11.86 67.75
CA GLU A 799 -19.16 -11.85 69.02
C GLU A 799 -20.38 -12.76 68.97
N LEU A 800 -20.97 -12.95 67.78
CA LEU A 800 -22.07 -13.89 67.67
C LEU A 800 -21.58 -15.33 67.71
N GLN A 801 -20.45 -15.62 67.06
CA GLN A 801 -19.93 -16.98 67.05
C GLN A 801 -19.47 -17.41 68.44
N ARG A 802 -18.81 -16.51 69.18
CA ARG A 802 -18.43 -16.83 70.55
C ARG A 802 -19.66 -17.06 71.42
N ARG A 803 -20.70 -16.23 71.24
CA ARG A 803 -21.93 -16.41 71.98
C ARG A 803 -22.64 -17.72 71.63
N LEU A 804 -22.35 -18.28 70.45
CA LEU A 804 -22.92 -19.58 70.10
C LEU A 804 -22.21 -20.70 70.85
N GLN A 805 -20.87 -20.69 70.86
CA GLN A 805 -20.12 -21.74 71.53
C GLN A 805 -20.09 -21.57 73.04
N PHE A 806 -20.27 -20.36 73.55
CA PHE A 806 -20.25 -20.12 74.98
C PHE A 806 -21.46 -20.72 75.69
N GLU A 807 -22.46 -21.21 74.94
CA GLU A 807 -23.65 -21.78 75.54
C GLU A 807 -24.02 -23.15 75.00
N GLU A 808 -23.49 -23.57 73.84
CA GLU A 808 -23.85 -24.88 73.30
C GLU A 808 -23.08 -26.00 73.98
N LYS A 809 -21.85 -25.74 74.42
CA LYS A 809 -21.07 -26.79 75.07
C LYS A 809 -21.47 -26.97 76.53
N LYS A 810 -21.91 -25.90 77.18
CA LYS A 810 -22.30 -25.96 78.59
C LYS A 810 -23.78 -26.26 78.78
N LYS A 811 -24.60 -26.09 77.75
CA LYS A 811 -26.03 -26.36 77.87
C LYS A 811 -26.52 -27.19 76.69
N GLU A 825 -17.18 -18.14 85.53
CA GLU A 825 -17.53 -18.41 84.13
C GLU A 825 -18.62 -17.46 83.65
N GLU A 826 -19.74 -17.43 84.37
CA GLU A 826 -20.84 -16.56 83.99
C GLU A 826 -20.55 -15.09 84.26
N GLU A 827 -19.63 -14.79 85.16
CA GLU A 827 -19.30 -13.41 85.48
C GLU A 827 -18.16 -12.85 84.66
N GLU A 828 -17.24 -13.69 84.19
CA GLU A 828 -16.11 -13.23 83.40
C GLU A 828 -16.48 -12.89 81.97
N GLU A 829 -17.67 -13.29 81.51
CA GLU A 829 -18.13 -12.98 80.16
C GLU A 829 -19.04 -11.78 80.12
N ASN A 830 -19.79 -11.52 81.20
CA ASN A 830 -20.66 -10.34 81.21
C ASN A 830 -19.85 -9.05 81.07
N LYS A 831 -18.60 -9.06 81.53
CA LYS A 831 -17.73 -7.91 81.26
C LYS A 831 -17.30 -7.88 79.80
N ARG A 832 -17.15 -9.04 79.17
CA ARG A 832 -16.87 -9.08 77.74
C ARG A 832 -18.11 -8.72 76.93
N ILE A 833 -19.27 -9.22 77.33
CA ILE A 833 -20.51 -8.80 76.68
C ILE A 833 -20.82 -7.35 77.03
N GLY A 834 -20.51 -6.93 78.26
CA GLY A 834 -20.77 -5.57 78.65
C GLY A 834 -19.91 -4.56 77.90
N GLU A 835 -18.63 -4.88 77.72
CA GLU A 835 -17.76 -3.98 76.96
C GLU A 835 -18.12 -3.97 75.48
N PHE A 836 -18.64 -5.08 74.97
CA PHE A 836 -19.03 -5.14 73.55
C PHE A 836 -20.15 -4.16 73.26
N LYS A 837 -21.09 -4.01 74.19
CA LYS A 837 -22.13 -3.00 74.03
C LYS A 837 -21.55 -1.59 74.09
N GLU A 838 -20.45 -1.40 74.81
CA GLU A 838 -19.85 -0.09 74.95
C GLU A 838 -19.06 0.33 73.72
N SER A 839 -18.61 -0.62 72.90
CA SER A 839 -17.93 -0.28 71.67
C SER A 839 -18.88 0.07 70.54
N ILE A 840 -20.18 -0.18 70.71
CA ILE A 840 -21.15 0.15 69.67
C ILE A 840 -21.23 1.65 69.41
N PRO A 841 -21.41 2.52 70.42
CA PRO A 841 -21.47 3.95 70.12
C PRO A 841 -20.20 4.50 69.48
N LYS A 842 -19.08 3.79 69.59
CA LYS A 842 -17.88 4.21 68.87
C LYS A 842 -18.06 4.02 67.37
N MET A 843 -18.59 2.87 66.96
CA MET A 843 -18.83 2.63 65.54
C MET A 843 -19.93 3.54 65.00
N CYS A 844 -20.91 3.88 65.83
CA CYS A 844 -21.98 4.77 65.38
C CYS A 844 -21.43 6.14 65.02
N SER A 845 -20.41 6.60 65.73
CA SER A 845 -19.79 7.88 65.40
C SER A 845 -19.01 7.84 64.09
N GLN A 846 -18.72 6.65 63.58
CA GLN A 846 -18.10 6.54 62.26
C GLN A 846 -19.14 6.75 61.17
N LEU A 847 -20.20 5.95 61.17
CA LEU A 847 -21.24 6.08 60.15
C LEU A 847 -22.01 7.39 60.29
N ARG A 848 -21.92 8.06 61.44
CA ARG A 848 -22.54 9.37 61.55
C ARG A 848 -21.67 10.46 60.96
N ILE A 849 -20.34 10.28 60.96
CA ILE A 849 -19.46 11.25 60.34
C ILE A 849 -19.12 10.90 58.90
N LEU A 850 -19.23 9.63 58.52
CA LEU A 850 -19.03 9.27 57.12
C LEU A 850 -20.20 9.74 56.27
N THR A 851 -21.43 9.60 56.78
CA THR A 851 -22.59 10.05 56.03
C THR A 851 -22.61 11.56 55.92
N HIS A 852 -22.37 12.27 57.03
CA HIS A 852 -22.41 13.72 57.01
C HIS A 852 -21.35 14.32 56.09
N PHE A 853 -20.33 13.56 55.72
CA PHE A 853 -19.36 14.02 54.74
C PHE A 853 -19.68 13.58 53.34
N TYR A 854 -20.40 12.46 53.19
CA TYR A 854 -20.84 12.03 51.86
C TYR A 854 -21.85 13.01 51.30
N GLN A 855 -22.80 13.47 52.11
CA GLN A 855 -23.77 14.45 51.66
C GLN A 855 -23.13 15.81 51.39
N GLY A 856 -22.02 16.12 52.04
CA GLY A 856 -21.33 17.36 51.78
C GLY A 856 -20.56 17.39 50.49
N ILE A 857 -20.32 16.23 49.89
CA ILE A 857 -19.60 16.17 48.62
C ILE A 857 -20.54 15.97 47.44
N VAL A 858 -21.78 15.55 47.68
CA VAL A 858 -22.78 15.46 46.62
C VAL A 858 -23.51 16.78 46.45
N GLN A 859 -23.95 17.39 47.55
CA GLN A 859 -24.56 18.72 47.47
C GLN A 859 -23.60 19.75 46.93
N GLN A 860 -22.29 19.49 47.02
CA GLN A 860 -21.32 20.31 46.32
C GLN A 860 -21.17 19.90 44.86
N PHE A 861 -21.39 18.62 44.57
CA PHE A 861 -21.30 18.15 43.19
C PHE A 861 -22.34 18.79 42.31
N LEU A 862 -23.59 18.89 42.82
CA LEU A 862 -24.67 19.45 42.00
C LEU A 862 -24.42 20.90 41.65
N VAL A 863 -23.86 21.67 42.60
CA VAL A 863 -23.62 23.09 42.35
C VAL A 863 -22.66 23.28 41.17
N LEU A 864 -21.76 22.32 40.96
CA LEU A 864 -20.81 22.44 39.86
C LEU A 864 -21.43 22.16 38.49
N LEU A 865 -22.58 21.47 38.46
CA LEU A 865 -23.22 21.21 37.16
C LEU A 865 -23.82 22.47 36.56
N THR A 866 -24.26 23.42 37.39
CA THR A 866 -24.78 24.69 36.87
C THR A 866 -23.59 25.53 36.43
N THR A 867 -23.06 25.19 35.25
CA THR A 867 -21.88 25.85 34.71
C THR A 867 -22.15 27.32 34.43
N ASP A 870 -22.39 21.35 27.51
CA ASP A 870 -22.68 22.35 28.52
C ASP A 870 -24.18 22.52 28.71
N GLU A 871 -24.96 21.84 27.86
CA GLU A 871 -26.41 21.84 27.95
C GLU A 871 -26.96 20.47 28.29
N SER A 872 -26.44 19.41 27.67
CA SER A 872 -26.90 18.06 27.95
C SER A 872 -26.62 17.65 29.38
N LEU A 873 -25.73 18.36 30.09
CA LEU A 873 -25.50 18.06 31.50
C LEU A 873 -26.71 18.40 32.36
N ARG A 874 -27.56 19.32 31.90
CA ARG A 874 -28.76 19.67 32.65
C ARG A 874 -29.67 18.47 32.83
N PHE A 875 -29.70 17.57 31.85
CA PHE A 875 -30.49 16.35 31.98
C PHE A 875 -29.96 15.43 33.06
N LEU A 876 -28.72 15.67 33.54
CA LEU A 876 -28.20 14.88 34.65
C LEU A 876 -28.67 15.43 35.99
N SER A 877 -28.75 16.76 36.11
CA SER A 877 -29.19 17.35 37.38
C SER A 877 -30.59 16.92 37.74
N PHE A 878 -31.43 16.63 36.76
CA PHE A 878 -32.78 16.15 37.04
C PHE A 878 -32.78 14.70 37.47
N ARG A 879 -31.88 13.89 36.90
CA ARG A 879 -31.82 12.48 37.28
C ARG A 879 -31.49 12.31 38.75
N LEU A 880 -30.53 13.09 39.24
CA LEU A 880 -30.10 12.99 40.63
C LEU A 880 -31.10 13.62 41.57
N ASP A 881 -31.64 14.77 41.20
CA ASP A 881 -32.47 15.57 42.08
C ASP A 881 -33.97 15.24 41.91
N PHE A 882 -34.30 14.05 41.44
CA PHE A 882 -35.69 13.65 41.37
C PHE A 882 -36.28 13.65 42.78
N ASN A 883 -37.54 14.07 42.88
CA ASN A 883 -38.29 14.25 44.12
C ASN A 883 -37.64 15.24 45.07
N GLU A 884 -36.57 15.92 44.64
CA GLU A 884 -35.89 16.94 45.42
C GLU A 884 -35.48 16.42 46.79
N HIS A 885 -34.84 15.25 46.79
CA HIS A 885 -34.29 14.71 48.03
C HIS A 885 -33.21 15.63 48.58
N TYR A 886 -32.48 16.30 47.69
CA TYR A 886 -31.58 17.38 48.04
C TYR A 886 -32.25 18.71 47.70
N LYS A 887 -31.48 19.80 47.79
CA LYS A 887 -31.98 21.16 47.55
C LYS A 887 -33.12 21.51 48.50
N ALA A 888 -33.11 20.91 49.68
CA ALA A 888 -34.10 21.17 50.73
C ALA A 888 -35.53 21.00 50.23
N LEU B 232 29.19 36.30 -60.63
CA LEU B 232 29.40 37.67 -60.16
C LEU B 232 28.09 38.35 -59.82
N PRO B 233 27.48 37.97 -58.68
CA PRO B 233 26.18 38.56 -58.32
C PRO B 233 26.27 39.99 -57.86
N GLY B 234 27.47 40.52 -57.63
CA GLY B 234 27.59 41.92 -57.23
C GLY B 234 27.29 42.87 -58.37
N THR B 235 27.79 42.58 -59.56
CA THR B 235 27.56 43.41 -60.73
C THR B 235 26.27 43.05 -61.47
N LEU B 236 25.38 42.34 -60.82
CA LEU B 236 24.13 41.81 -61.35
C LEU B 236 22.96 42.53 -60.71
N PRO B 237 21.87 42.75 -61.46
CA PRO B 237 20.72 43.49 -60.91
C PRO B 237 20.12 42.82 -59.68
N LEU B 238 19.23 43.57 -59.02
CA LEU B 238 18.68 43.14 -57.74
C LEU B 238 17.53 42.17 -57.93
N ALA B 239 16.47 42.59 -58.61
CA ALA B 239 15.26 41.77 -58.72
C ALA B 239 15.49 40.49 -59.49
N SER B 240 16.57 40.40 -60.27
CA SER B 240 16.84 39.20 -61.05
C SER B 240 17.79 38.23 -60.34
N GLN B 241 18.76 38.74 -59.58
CA GLN B 241 19.66 37.85 -58.86
C GLN B 241 18.93 37.04 -57.80
N GLU B 242 17.78 37.50 -57.33
CA GLU B 242 16.96 36.70 -56.43
C GLU B 242 16.49 35.42 -57.10
N SER B 243 16.23 35.47 -58.41
CA SER B 243 15.85 34.26 -59.13
C SER B 243 17.04 33.34 -59.36
N ALA B 244 18.26 33.84 -59.21
CA ALA B 244 19.43 32.96 -59.31
C ALA B 244 19.69 32.22 -58.01
N VAL B 245 19.37 32.83 -56.88
CA VAL B 245 19.57 32.17 -55.60
C VAL B 245 18.53 31.09 -55.37
N VAL B 246 17.29 31.33 -55.79
CA VAL B 246 16.23 30.36 -55.53
C VAL B 246 16.43 29.07 -56.33
N GLU B 247 17.14 29.13 -57.46
CA GLU B 247 17.47 27.87 -58.14
C GLU B 247 18.69 27.21 -57.52
N ASP B 248 19.62 28.02 -57.00
CA ASP B 248 20.76 27.46 -56.28
C ASP B 248 20.31 26.86 -54.96
N LEU B 249 19.50 27.60 -54.21
CA LEU B 249 18.95 27.11 -52.96
C LEU B 249 18.01 25.94 -53.15
N LEU B 250 17.59 25.66 -54.37
CA LEU B 250 16.70 24.54 -54.64
C LEU B 250 17.47 23.24 -54.86
N TYR B 251 18.80 23.30 -54.98
CA TYR B 251 19.64 22.12 -54.98
C TYR B 251 20.08 21.74 -53.57
N VAL B 252 20.52 22.74 -52.79
CA VAL B 252 21.06 22.47 -51.46
C VAL B 252 20.03 21.77 -50.59
N LEU B 253 18.75 21.97 -50.85
CA LEU B 253 17.74 21.23 -50.10
C LEU B 253 17.75 19.74 -50.43
N VAL B 254 18.52 19.30 -51.41
CA VAL B 254 18.57 17.90 -51.80
C VAL B 254 19.86 17.30 -51.26
N GLY B 255 20.91 18.11 -51.17
CA GLY B 255 22.17 17.63 -50.66
C GLY B 255 23.33 18.01 -51.55
N VAL B 256 23.10 17.97 -52.87
CA VAL B 256 24.13 18.36 -53.82
C VAL B 256 24.49 19.81 -53.63
N ASP B 257 25.78 20.12 -53.73
CA ASP B 257 26.24 21.49 -53.56
C ASP B 257 25.62 22.40 -54.61
N GLY B 258 25.83 23.70 -54.42
CA GLY B 258 25.27 24.67 -55.35
C GLY B 258 26.32 25.59 -55.94
N ARG B 259 25.88 26.57 -56.72
CA ARG B 259 26.82 27.50 -57.34
C ARG B 259 27.28 28.56 -56.35
N TYR B 260 26.35 29.24 -55.70
CA TYR B 260 26.67 30.26 -54.70
C TYR B 260 26.57 29.75 -53.28
N VAL B 261 25.46 29.12 -52.92
CA VAL B 261 25.27 28.59 -51.58
C VAL B 261 26.02 27.27 -51.48
N SER B 262 27.27 27.33 -51.06
CA SER B 262 28.10 26.14 -50.98
C SER B 262 28.11 25.57 -49.57
N ALA B 263 28.69 24.39 -49.43
CA ALA B 263 28.82 23.71 -48.15
C ALA B 263 30.27 23.73 -47.70
N GLN B 264 30.48 23.62 -46.40
CA GLN B 264 31.81 23.58 -45.84
C GLN B 264 32.06 22.24 -45.16
N PRO B 265 33.31 21.79 -45.10
CA PRO B 265 33.59 20.48 -44.49
C PRO B 265 33.16 20.46 -43.03
N LEU B 266 32.67 19.29 -42.61
CA LEU B 266 32.11 19.13 -41.27
C LEU B 266 33.19 19.33 -40.21
N SER B 271 25.11 19.80 -37.93
CA SER B 271 26.27 20.60 -37.55
C SER B 271 26.97 21.14 -38.80
N ARG B 272 26.38 20.87 -39.95
CA ARG B 272 26.93 21.38 -41.20
C ARG B 272 26.77 22.89 -41.26
N THR B 273 27.86 23.60 -41.56
CA THR B 273 27.84 25.05 -41.68
C THR B 273 28.08 25.44 -43.13
N PHE B 274 27.30 26.39 -43.62
CA PHE B 274 27.34 26.81 -45.01
C PHE B 274 27.93 28.21 -45.13
N LEU B 275 28.28 28.58 -46.35
CA LEU B 275 28.65 29.95 -46.69
C LEU B 275 27.89 30.35 -47.94
N VAL B 276 27.49 31.61 -48.02
CA VAL B 276 26.63 32.04 -49.13
C VAL B 276 27.43 32.83 -50.15
N ASP B 277 27.93 34.02 -49.78
CA ASP B 277 28.78 34.87 -50.61
C ASP B 277 29.20 36.10 -49.83
N PRO B 278 30.33 36.69 -50.15
CA PRO B 278 30.72 37.94 -49.48
C PRO B 278 29.87 39.12 -49.91
N ASN B 279 29.63 39.26 -51.20
CA ASN B 279 28.93 40.42 -51.76
C ASN B 279 27.55 40.00 -52.27
N LEU B 280 26.56 40.09 -51.39
CA LEU B 280 25.17 39.88 -51.73
C LEU B 280 24.33 40.91 -50.99
N ASP B 281 23.10 41.11 -51.44
CA ASP B 281 22.24 42.09 -50.79
C ASP B 281 21.89 41.66 -49.38
N LEU B 282 21.94 42.62 -48.45
CA LEU B 282 21.68 42.31 -47.04
C LEU B 282 20.28 41.75 -46.84
N SER B 283 19.32 42.22 -47.63
CA SER B 283 17.95 41.75 -47.50
C SER B 283 17.72 40.41 -48.18
N ILE B 284 18.77 39.73 -48.61
CA ILE B 284 18.67 38.38 -49.16
C ILE B 284 19.34 37.37 -48.25
N ARG B 285 20.61 37.60 -47.89
CA ARG B 285 21.33 36.65 -47.07
C ARG B 285 20.64 36.43 -45.74
N GLU B 286 20.17 37.51 -45.10
CA GLU B 286 19.43 37.37 -43.86
C GLU B 286 18.13 36.61 -44.07
N LEU B 287 17.66 36.50 -45.31
CA LEU B 287 16.52 35.65 -45.61
C LEU B 287 16.94 34.25 -46.03
N VAL B 288 18.07 34.12 -46.73
CA VAL B 288 18.56 32.80 -47.11
C VAL B 288 18.92 31.99 -45.87
N HIS B 289 19.68 32.59 -44.96
CA HIS B 289 20.11 31.91 -43.75
C HIS B 289 18.96 31.43 -42.88
N ARG B 290 17.73 31.81 -43.21
CA ARG B 290 16.59 31.28 -42.49
C ARG B 290 16.08 29.98 -43.07
N ILE B 291 16.44 29.66 -44.30
CA ILE B 291 15.98 28.44 -44.95
C ILE B 291 16.97 27.29 -44.73
N LEU B 292 18.25 27.59 -44.81
CA LEU B 292 19.32 26.60 -44.71
C LEU B 292 19.24 25.69 -43.49
N PRO B 293 18.67 26.11 -42.36
CA PRO B 293 18.43 25.15 -41.28
C PRO B 293 17.53 23.98 -41.66
N VAL B 294 17.05 23.91 -42.90
CA VAL B 294 16.46 22.69 -43.40
C VAL B 294 17.45 21.89 -44.26
N ALA B 295 18.53 22.51 -44.73
CA ALA B 295 19.56 21.75 -45.41
C ALA B 295 20.49 21.11 -44.39
N ALA B 296 20.95 21.88 -43.40
CA ALA B 296 21.81 21.32 -42.37
C ALA B 296 21.08 20.25 -41.57
N SER B 297 19.78 20.39 -41.37
CA SER B 297 18.99 19.36 -40.71
C SER B 297 18.67 18.20 -41.64
N TYR B 298 19.17 18.23 -42.87
CA TYR B 298 19.06 17.10 -43.79
C TYR B 298 20.40 16.46 -44.08
N SER B 299 21.48 17.21 -44.04
CA SER B 299 22.81 16.64 -44.09
C SER B 299 23.20 15.99 -42.81
N ALA B 300 22.24 15.80 -41.89
CA ALA B 300 22.48 15.07 -40.66
C ALA B 300 21.46 13.99 -40.40
N VAL B 301 20.49 13.81 -41.29
CA VAL B 301 19.56 12.69 -41.23
C VAL B 301 19.89 11.65 -42.29
N THR B 302 20.26 12.07 -43.49
CA THR B 302 20.71 11.13 -44.50
C THR B 302 22.04 10.50 -44.15
N ARG B 303 22.78 11.09 -43.21
CA ARG B 303 23.98 10.47 -42.68
C ARG B 303 23.67 9.50 -41.55
N PHE B 304 22.47 9.59 -40.98
CA PHE B 304 22.00 8.60 -40.02
C PHE B 304 21.40 7.39 -40.70
N ILE B 305 20.88 7.56 -41.92
CA ILE B 305 20.33 6.44 -42.66
C ILE B 305 21.45 5.59 -43.26
N GLU B 306 22.41 6.24 -43.94
CA GLU B 306 23.50 5.52 -44.57
C GLU B 306 24.37 4.78 -43.56
N GLU B 307 24.24 5.10 -42.27
CA GLU B 307 25.12 4.57 -41.25
C GLU B 307 24.44 3.55 -40.34
N LYS B 308 23.27 3.88 -39.80
CA LYS B 308 22.62 3.02 -38.82
C LYS B 308 21.90 1.85 -39.44
N SER B 309 22.17 1.52 -40.69
CA SER B 309 21.58 0.36 -41.32
C SER B 309 22.52 -0.84 -41.34
N SER B 310 23.67 -0.74 -40.68
CA SER B 310 24.60 -1.85 -40.65
C SER B 310 24.05 -2.96 -39.76
N PHE B 311 24.76 -4.09 -39.76
CA PHE B 311 24.31 -5.27 -39.02
C PHE B 311 24.77 -5.26 -37.57
N GLU B 312 25.67 -4.36 -37.18
CA GLU B 312 26.20 -4.34 -35.83
C GLU B 312 25.33 -3.55 -34.86
N TYR B 313 24.05 -3.34 -35.17
CA TYR B 313 23.21 -2.48 -34.35
C TYR B 313 21.88 -3.07 -33.93
N GLY B 314 21.47 -4.19 -34.47
CA GLY B 314 20.26 -4.86 -34.02
C GLY B 314 19.12 -4.71 -35.01
N GLN B 315 17.98 -5.25 -34.62
CA GLN B 315 16.81 -5.26 -35.47
C GLN B 315 15.86 -4.09 -35.19
N VAL B 316 16.28 -3.12 -34.41
CA VAL B 316 15.48 -1.93 -34.13
C VAL B 316 16.13 -0.68 -34.74
N ASN B 317 17.43 -0.52 -34.56
CA ASN B 317 18.15 0.55 -35.24
C ASN B 317 18.14 0.34 -36.75
N HIS B 318 17.59 -0.78 -37.21
CA HIS B 318 17.33 -0.99 -38.63
C HIS B 318 15.98 -0.42 -39.03
N ALA B 319 14.91 -0.88 -38.39
CA ALA B 319 13.57 -0.40 -38.73
C ALA B 319 13.43 1.08 -38.47
N LEU B 320 14.08 1.59 -37.41
CA LEU B 320 14.09 3.03 -37.20
C LEU B 320 14.81 3.77 -38.31
N ALA B 321 15.72 3.11 -39.02
CA ALA B 321 16.38 3.75 -40.15
C ALA B 321 15.67 3.49 -41.46
N ALA B 322 14.76 2.53 -41.52
CA ALA B 322 13.95 2.37 -42.72
C ALA B 322 12.76 3.30 -42.70
N ALA B 323 11.98 3.27 -41.63
CA ALA B 323 10.85 4.19 -41.51
C ALA B 323 11.28 5.65 -41.47
N MET B 324 12.56 5.91 -41.22
CA MET B 324 13.12 7.25 -41.36
C MET B 324 13.68 7.48 -42.76
N ARG B 325 13.51 6.53 -43.67
CA ARG B 325 13.93 6.69 -45.05
C ARG B 325 12.75 6.92 -45.99
N THR B 326 11.58 6.43 -45.62
CA THR B 326 10.38 6.77 -46.38
C THR B 326 10.12 8.27 -46.36
N LEU B 327 10.45 8.93 -45.25
CA LEU B 327 10.23 10.38 -45.17
C LEU B 327 11.17 11.13 -46.08
N VAL B 328 12.44 10.73 -46.14
CA VAL B 328 13.38 11.44 -47.00
C VAL B 328 12.95 11.34 -48.46
N LYS B 329 12.27 10.25 -48.84
CA LYS B 329 11.72 10.18 -50.18
C LYS B 329 10.64 11.23 -50.37
N GLU B 330 9.74 11.38 -49.40
CA GLU B 330 8.70 12.39 -49.48
C GLU B 330 9.25 13.80 -49.42
N HIS B 331 10.52 13.98 -49.07
CA HIS B 331 11.17 15.27 -49.18
C HIS B 331 11.86 15.46 -50.52
N LEU B 332 12.28 14.38 -51.17
CA LEU B 332 12.82 14.48 -52.52
C LEU B 332 11.74 14.74 -53.56
N ILE B 333 10.47 14.61 -53.19
CA ILE B 333 9.38 14.96 -54.08
C ILE B 333 8.97 16.42 -53.89
N LEU B 334 8.90 16.88 -52.64
CA LEU B 334 8.56 18.27 -52.39
C LEU B 334 9.62 19.22 -52.92
N VAL B 335 10.82 18.73 -53.21
CA VAL B 335 11.78 19.54 -53.95
C VAL B 335 11.68 19.28 -55.45
N SER B 336 11.03 18.19 -55.86
CA SER B 336 10.78 17.98 -57.28
C SER B 336 9.65 18.86 -57.78
N GLN B 337 8.58 19.00 -57.01
CA GLN B 337 7.47 19.85 -57.40
C GLN B 337 7.89 21.30 -57.50
N LEU B 338 8.91 21.70 -56.75
CA LEU B 338 9.38 23.08 -56.81
C LEU B 338 10.32 23.30 -57.98
N GLU B 339 11.11 22.30 -58.37
CA GLU B 339 11.98 22.48 -59.52
C GLU B 339 11.20 22.52 -60.82
N GLN B 340 9.97 22.02 -60.82
CA GLN B 340 9.10 22.14 -61.99
C GLN B 340 8.27 23.41 -61.95
N LEU B 341 7.78 23.79 -60.76
CA LEU B 341 7.03 25.03 -60.63
C LEU B 341 7.93 26.25 -60.77
N HIS B 342 9.24 26.09 -60.68
CA HIS B 342 10.15 27.20 -60.87
C HIS B 342 10.44 27.49 -62.33
N ARG B 343 10.21 26.53 -63.21
CA ARG B 343 10.49 26.74 -64.63
C ARG B 343 9.69 27.91 -65.18
N GLN B 344 8.41 27.98 -64.86
CA GLN B 344 7.60 29.10 -65.30
C GLN B 344 7.88 30.38 -64.53
N GLY B 345 8.92 30.45 -63.70
CA GLY B 345 9.20 31.67 -62.96
C GLY B 345 8.26 31.96 -61.81
N LEU B 346 7.33 31.06 -61.51
CA LEU B 346 6.32 31.28 -60.49
C LEU B 346 6.83 31.09 -59.08
N LEU B 347 8.15 30.98 -58.87
CA LEU B 347 8.69 30.64 -57.56
C LEU B 347 9.70 31.72 -57.16
N SER B 348 9.20 32.80 -56.57
CA SER B 348 10.06 33.83 -56.03
C SER B 348 10.56 33.41 -54.65
N LEU B 349 11.71 33.97 -54.26
CA LEU B 349 12.33 33.58 -53.00
C LEU B 349 11.37 33.73 -51.83
N GLN B 350 10.59 34.81 -51.82
CA GLN B 350 9.61 35.01 -50.77
C GLN B 350 8.55 33.91 -50.79
N LYS B 351 8.29 33.32 -51.96
CA LYS B 351 7.33 32.24 -52.04
C LYS B 351 7.93 30.93 -51.55
N LEU B 352 9.24 30.76 -51.65
CA LEU B 352 9.88 29.55 -51.15
C LEU B 352 9.76 29.45 -49.64
N TRP B 353 10.01 30.57 -48.95
CA TRP B 353 10.01 30.63 -47.49
C TRP B 353 8.65 30.27 -46.90
N PHE B 354 7.62 30.12 -47.71
CA PHE B 354 6.33 29.65 -47.22
C PHE B 354 6.09 28.18 -47.52
N TYR B 355 6.54 27.69 -48.69
CA TYR B 355 6.26 26.31 -49.07
C TYR B 355 7.00 25.31 -48.20
N ILE B 356 8.22 25.63 -47.78
CA ILE B 356 9.04 24.69 -47.02
C ILE B 356 8.71 24.66 -45.54
N GLN B 357 7.76 25.46 -45.08
CA GLN B 357 7.45 25.51 -43.65
C GLN B 357 7.16 24.15 -43.04
N PRO B 358 6.38 23.26 -43.67
CA PRO B 358 6.22 21.93 -43.07
C PRO B 358 7.47 21.08 -43.19
N ALA B 359 8.22 21.20 -44.29
CA ALA B 359 9.43 20.42 -44.43
C ALA B 359 10.58 20.93 -43.56
N MET B 360 10.41 22.09 -42.94
CA MET B 360 11.38 22.58 -41.98
C MET B 360 11.09 22.12 -40.57
N ARG B 361 9.85 21.71 -40.30
CA ARG B 361 9.47 21.21 -38.99
C ARG B 361 9.58 19.69 -38.90
N THR B 362 9.31 18.96 -40.00
CA THR B 362 9.49 17.52 -39.97
C THR B 362 10.97 17.16 -39.92
N MET B 363 11.78 17.77 -40.77
CA MET B 363 13.21 17.53 -40.73
C MET B 363 13.86 18.05 -39.46
N ASP B 364 13.13 18.72 -38.59
CA ASP B 364 13.67 19.13 -37.30
C ASP B 364 13.29 18.19 -36.18
N ILE B 365 12.45 17.19 -36.44
CA ILE B 365 12.24 16.11 -35.49
C ILE B 365 13.19 14.95 -35.78
N LEU B 366 13.32 14.56 -37.04
CA LEU B 366 14.23 13.48 -37.39
C LEU B 366 15.68 13.84 -37.13
N ALA B 367 16.02 15.12 -37.09
CA ALA B 367 17.37 15.54 -36.75
C ALA B 367 17.56 15.73 -35.26
N SER B 368 16.54 15.44 -34.45
CA SER B 368 16.67 15.41 -33.00
C SER B 368 16.62 14.01 -32.42
N LEU B 369 15.96 13.07 -33.11
CA LEU B 369 16.06 11.67 -32.72
C LEU B 369 17.39 11.08 -33.17
N ALA B 370 17.86 11.47 -34.34
CA ALA B 370 19.15 11.00 -34.84
C ALA B 370 20.32 11.57 -34.08
N THR B 371 20.09 12.45 -33.10
CA THR B 371 21.16 12.93 -32.23
C THR B 371 20.93 12.55 -30.78
N SER B 372 19.75 12.05 -30.42
CA SER B 372 19.49 11.52 -29.10
C SER B 372 19.48 9.99 -29.09
N VAL B 373 19.85 9.37 -30.21
CA VAL B 373 20.00 7.93 -30.29
C VAL B 373 21.50 7.62 -30.28
N ASP B 374 22.28 8.57 -30.77
CA ASP B 374 23.74 8.42 -30.76
C ASP B 374 24.42 9.11 -29.59
N LYS B 375 23.71 10.01 -28.88
CA LYS B 375 24.28 10.59 -27.67
C LYS B 375 24.57 9.50 -26.65
N GLY B 376 23.51 8.83 -26.18
CA GLY B 376 23.66 7.63 -25.39
C GLY B 376 23.40 6.44 -26.30
N GLU B 377 24.40 5.57 -26.41
CA GLU B 377 24.31 4.44 -27.33
C GLU B 377 23.11 3.58 -27.01
N CYS B 378 22.12 3.59 -27.90
CA CYS B 378 20.88 2.84 -27.71
C CYS B 378 20.74 1.80 -28.81
N LEU B 379 20.51 0.55 -28.42
CA LEU B 379 20.18 -0.51 -29.35
C LEU B 379 19.32 -1.51 -28.63
N GLY B 380 18.25 -1.94 -29.27
CA GLY B 380 17.34 -2.90 -28.66
C GLY B 380 16.18 -2.20 -27.95
N GLY B 381 16.12 -2.33 -26.63
CA GLY B 381 15.02 -1.77 -25.89
C GLY B 381 15.19 -0.30 -25.57
N SER B 382 16.41 0.12 -25.25
CA SER B 382 16.62 1.52 -24.85
C SER B 382 16.39 2.47 -26.02
N THR B 383 16.55 2.00 -27.24
CA THR B 383 16.14 2.76 -28.41
C THR B 383 14.69 2.57 -28.76
N LEU B 384 13.93 2.01 -27.85
CA LEU B 384 12.47 2.00 -27.94
C LEU B 384 11.83 2.66 -26.73
N SER B 385 12.59 2.83 -25.64
CA SER B 385 12.15 3.68 -24.54
C SER B 385 12.20 5.14 -24.95
N LEU B 386 13.21 5.52 -25.72
CA LEU B 386 13.34 6.92 -26.14
C LEU B 386 12.20 7.32 -27.06
N LEU B 387 11.76 6.42 -27.93
CA LEU B 387 10.66 6.70 -28.85
C LEU B 387 9.30 6.55 -28.20
N HIS B 388 9.23 6.28 -26.90
CA HIS B 388 7.99 6.35 -26.15
C HIS B 388 7.94 7.55 -25.23
N ASP B 389 9.08 8.21 -24.99
CA ASP B 389 9.13 9.44 -24.23
C ASP B 389 9.21 10.67 -25.13
N ARG B 390 9.95 10.61 -26.23
CA ARG B 390 9.90 11.67 -27.22
C ARG B 390 8.55 11.74 -27.93
N SER B 391 7.66 10.78 -27.67
CA SER B 391 6.31 10.82 -28.20
C SER B 391 5.29 11.30 -27.17
N PHE B 392 5.63 11.26 -25.89
CA PHE B 392 4.76 11.79 -24.86
C PHE B 392 5.04 13.25 -24.57
N SER B 393 6.26 13.71 -24.81
CA SER B 393 6.57 15.12 -24.63
C SER B 393 5.82 15.99 -25.64
N TYR B 394 5.48 15.43 -26.80
CA TYR B 394 4.63 16.13 -27.77
C TYR B 394 3.18 15.68 -27.61
N THR B 395 2.63 15.88 -26.42
CA THR B 395 1.27 15.42 -26.15
C THR B 395 0.21 16.42 -26.60
N GLY B 396 0.60 17.57 -27.13
CA GLY B 396 -0.39 18.53 -27.55
C GLY B 396 -0.04 19.23 -28.84
N ASP B 397 1.03 18.77 -29.49
CA ASP B 397 1.45 19.38 -30.75
C ASP B 397 0.58 18.89 -31.90
N SER B 398 0.36 17.59 -31.98
CA SER B 398 -0.52 16.90 -32.94
C SER B 398 -0.01 16.98 -34.37
N GLN B 399 1.06 17.71 -34.65
CA GLN B 399 1.72 17.66 -35.94
C GLN B 399 3.12 17.08 -35.83
N ALA B 400 3.69 17.02 -34.63
CA ALA B 400 4.92 16.29 -34.36
C ALA B 400 4.67 15.14 -33.39
N GLN B 401 3.41 14.79 -33.13
CA GLN B 401 3.07 13.56 -32.45
C GLN B 401 2.52 12.50 -33.38
N GLU B 402 1.81 12.90 -34.43
CA GLU B 402 1.45 11.96 -35.48
C GLU B 402 2.68 11.46 -36.24
N LEU B 403 3.83 12.11 -36.05
CA LEU B 403 5.08 11.65 -36.64
C LEU B 403 5.78 10.67 -35.71
N CYS B 404 6.13 11.12 -34.50
CA CYS B 404 6.81 10.23 -33.56
C CYS B 404 5.97 9.04 -33.15
N LEU B 405 4.69 9.01 -33.52
CA LEU B 405 3.89 7.81 -33.38
C LEU B 405 3.92 6.94 -34.62
N TYR B 406 4.46 7.45 -35.73
CA TYR B 406 4.72 6.62 -36.90
C TYR B 406 6.07 5.94 -36.82
N LEU B 407 7.04 6.56 -36.15
CA LEU B 407 8.34 5.92 -35.98
C LEU B 407 8.28 4.80 -34.95
N THR B 408 7.67 5.06 -33.80
CA THR B 408 7.57 4.03 -32.77
C THR B 408 6.75 2.85 -33.25
N LYS B 409 5.65 3.11 -33.95
CA LYS B 409 4.82 2.03 -34.48
C LYS B 409 5.54 1.22 -35.55
N ALA B 410 6.66 1.71 -36.07
CA ALA B 410 7.43 1.00 -37.08
C ALA B 410 8.77 0.50 -36.58
N ALA B 411 9.35 1.16 -35.57
CA ALA B 411 10.60 0.71 -34.98
C ALA B 411 10.40 -0.24 -33.82
N SER B 412 9.23 -0.87 -33.72
CA SER B 412 8.96 -1.82 -32.68
C SER B 412 8.33 -3.10 -33.19
N ALA B 413 8.05 -3.20 -34.48
CA ALA B 413 7.59 -4.48 -35.02
C ALA B 413 8.65 -5.57 -34.93
N PRO B 414 9.93 -5.33 -35.25
CA PRO B 414 10.90 -6.43 -35.11
C PRO B 414 11.09 -6.86 -33.66
N TYR B 415 11.08 -5.91 -32.72
CA TYR B 415 11.16 -6.28 -31.32
C TYR B 415 9.92 -7.04 -30.88
N PHE B 416 8.76 -6.67 -31.39
CA PHE B 416 7.53 -7.36 -31.03
C PHE B 416 7.34 -8.67 -31.80
N GLU B 417 8.23 -8.99 -32.75
CA GLU B 417 8.12 -10.25 -33.47
C GLU B 417 8.89 -11.37 -32.80
N VAL B 418 9.83 -11.04 -31.90
CA VAL B 418 10.42 -12.07 -31.04
C VAL B 418 9.58 -12.27 -29.79
N LEU B 419 8.82 -11.25 -29.38
CA LEU B 419 7.96 -11.40 -28.21
C LEU B 419 6.84 -12.38 -28.46
N GLU B 420 6.35 -12.46 -29.70
CA GLU B 420 5.37 -13.48 -30.03
C GLU B 420 5.99 -14.86 -30.17
N LYS B 421 7.31 -14.97 -30.07
CA LYS B 421 7.97 -16.26 -30.01
C LYS B 421 8.38 -16.65 -28.59
N TRP B 422 8.38 -15.70 -27.66
CA TRP B 422 8.73 -15.98 -26.29
C TRP B 422 7.52 -16.17 -25.38
N ILE B 423 6.36 -15.65 -25.76
CA ILE B 423 5.16 -15.83 -24.97
C ILE B 423 4.35 -17.03 -25.44
N TYR B 424 4.17 -17.17 -26.76
CA TYR B 424 3.42 -18.30 -27.29
C TYR B 424 4.26 -19.54 -27.45
N ARG B 425 5.59 -19.43 -27.35
CA ARG B 425 6.49 -20.57 -27.36
C ARG B 425 7.70 -20.21 -26.51
N GLY B 426 8.59 -21.18 -26.34
CA GLY B 426 9.73 -20.94 -25.50
C GLY B 426 10.99 -20.50 -26.21
N ILE B 427 10.99 -20.47 -27.53
CA ILE B 427 12.20 -20.22 -28.30
C ILE B 427 12.49 -18.72 -28.34
N ILE B 428 13.76 -18.37 -28.13
CA ILE B 428 14.22 -16.99 -28.16
C ILE B 428 15.31 -16.91 -29.21
N HIS B 429 15.04 -16.23 -30.33
CA HIS B 429 16.03 -16.18 -31.40
C HIS B 429 17.09 -15.10 -31.12
N ASP B 430 16.67 -13.83 -31.14
CA ASP B 430 17.46 -12.67 -30.76
C ASP B 430 18.94 -12.82 -31.12
N PRO B 431 19.29 -12.79 -32.41
CA PRO B 431 20.71 -12.96 -32.77
C PRO B 431 21.62 -11.94 -32.13
N TYR B 432 21.33 -10.66 -32.31
CA TYR B 432 22.04 -9.61 -31.60
C TYR B 432 21.45 -9.46 -30.21
N SER B 433 22.32 -9.33 -29.21
CA SER B 433 21.86 -9.39 -27.83
C SER B 433 21.08 -8.14 -27.47
N GLU B 434 19.77 -8.14 -27.73
CA GLU B 434 18.94 -6.97 -27.50
C GLU B 434 17.64 -7.24 -26.77
N PHE B 435 17.13 -8.48 -26.79
CA PHE B 435 15.86 -8.76 -26.13
C PHE B 435 15.99 -8.58 -24.62
N MET B 436 14.85 -8.44 -23.95
CA MET B 436 14.86 -8.22 -22.51
C MET B 436 15.28 -9.49 -21.76
N VAL B 437 15.04 -10.66 -22.34
CA VAL B 437 15.33 -11.94 -21.70
C VAL B 437 16.41 -12.65 -22.48
N GLU B 438 17.47 -13.05 -21.80
CA GLU B 438 18.55 -13.82 -22.41
C GLU B 438 18.70 -15.15 -21.69
N GLU B 439 18.98 -16.20 -22.45
CA GLU B 439 19.16 -17.52 -21.88
C GLU B 439 20.62 -17.73 -21.48
N HIS B 440 20.87 -18.88 -20.84
CA HIS B 440 22.22 -19.21 -20.36
C HIS B 440 22.45 -20.69 -20.58
N GLU B 441 23.58 -21.17 -20.08
CA GLU B 441 23.90 -22.59 -20.16
C GLU B 441 24.45 -23.09 -18.83
N TYR B 455 18.59 -24.42 -9.80
CA TYR B 455 19.10 -25.02 -11.03
C TYR B 455 18.51 -24.34 -12.26
N TRP B 456 17.41 -23.61 -12.07
CA TRP B 456 16.78 -22.88 -13.15
C TRP B 456 16.62 -21.39 -12.88
N ASP B 457 17.00 -20.90 -11.71
CA ASP B 457 16.96 -19.48 -11.46
C ASP B 457 18.07 -18.72 -12.19
N GLN B 458 18.97 -19.43 -12.87
CA GLN B 458 20.08 -18.81 -13.58
C GLN B 458 19.97 -19.03 -15.09
N ARG B 459 19.00 -19.82 -15.55
CA ARG B 459 18.89 -20.10 -16.97
C ARG B 459 18.45 -18.86 -17.75
N TYR B 460 17.27 -18.33 -17.46
CA TYR B 460 16.75 -17.13 -18.08
C TYR B 460 16.73 -16.01 -17.07
N THR B 461 17.37 -14.89 -17.41
CA THR B 461 17.48 -13.76 -16.49
C THR B 461 16.99 -12.50 -17.19
N ILE B 462 16.22 -11.70 -16.46
CA ILE B 462 15.76 -10.41 -16.98
C ILE B 462 16.94 -9.47 -17.10
N VAL B 463 17.13 -8.89 -18.28
CA VAL B 463 18.13 -7.85 -18.47
C VAL B 463 17.48 -6.51 -18.17
N GLN B 464 18.18 -5.67 -17.40
CA GLN B 464 17.56 -4.45 -16.90
C GLN B 464 17.61 -3.33 -17.93
N GLN B 465 18.69 -3.23 -18.70
CA GLN B 465 18.82 -2.14 -19.66
C GLN B 465 17.74 -2.22 -20.73
N GLN B 466 17.58 -3.39 -21.35
CA GLN B 466 16.71 -3.54 -22.51
C GLN B 466 15.27 -3.84 -22.08
N ILE B 467 14.68 -2.88 -21.37
CA ILE B 467 13.26 -2.90 -21.02
C ILE B 467 12.63 -1.67 -21.66
N PRO B 468 11.55 -1.82 -22.45
CA PRO B 468 11.05 -0.71 -23.25
C PRO B 468 10.41 0.43 -22.45
N SER B 469 10.37 0.32 -21.12
CA SER B 469 9.82 1.37 -20.25
C SER B 469 8.34 1.63 -20.48
N PHE B 470 7.71 0.86 -21.37
CA PHE B 470 6.26 0.77 -21.39
C PHE B 470 5.79 -0.65 -21.14
N LEU B 471 6.69 -1.62 -21.09
CA LEU B 471 6.43 -2.95 -20.56
C LEU B 471 6.96 -3.11 -19.15
N GLN B 472 7.40 -2.02 -18.52
CA GLN B 472 7.97 -2.09 -17.18
C GLN B 472 6.97 -2.63 -16.17
N LYS B 473 5.67 -2.37 -16.38
CA LYS B 473 4.65 -2.87 -15.47
C LYS B 473 4.59 -4.39 -15.52
N MET B 474 4.78 -4.98 -16.69
CA MET B 474 4.72 -6.43 -16.87
C MET B 474 6.07 -7.01 -17.24
N ALA B 475 7.15 -6.45 -16.67
CA ALA B 475 8.47 -6.99 -16.92
C ALA B 475 8.70 -8.33 -16.27
N ASP B 476 7.81 -8.75 -15.35
CA ASP B 476 7.93 -10.03 -14.68
C ASP B 476 7.07 -11.11 -15.31
N LYS B 477 5.82 -10.79 -15.67
CA LYS B 477 4.95 -11.79 -16.25
C LYS B 477 5.43 -12.24 -17.63
N ILE B 478 6.26 -11.44 -18.30
CA ILE B 478 6.84 -11.88 -19.56
C ILE B 478 7.80 -13.03 -19.32
N LEU B 479 8.76 -12.83 -18.42
CA LEU B 479 9.73 -13.88 -18.12
C LEU B 479 9.05 -15.09 -17.47
N SER B 480 8.12 -14.85 -16.56
CA SER B 480 7.41 -15.94 -15.91
C SER B 480 6.51 -16.72 -16.87
N THR B 481 6.30 -16.21 -18.08
CA THR B 481 5.45 -16.91 -19.04
C THR B 481 6.22 -17.98 -19.81
N GLY B 482 7.29 -17.58 -20.47
CA GLY B 482 8.04 -18.53 -21.28
C GLY B 482 8.75 -19.58 -20.46
N LYS B 483 9.22 -19.21 -19.27
CA LYS B 483 9.89 -20.19 -18.42
C LYS B 483 8.99 -21.37 -18.10
N TYR B 484 7.69 -21.12 -17.94
CA TYR B 484 6.76 -22.23 -17.77
C TYR B 484 6.66 -23.08 -19.03
N LEU B 485 6.89 -22.47 -20.20
CA LEU B 485 6.75 -23.22 -21.44
C LEU B 485 7.93 -24.16 -21.67
N ASN B 486 9.08 -23.87 -21.09
CA ASN B 486 10.24 -24.72 -21.31
C ASN B 486 10.27 -25.93 -20.39
N VAL B 487 9.78 -25.83 -19.16
CA VAL B 487 9.77 -26.99 -18.27
C VAL B 487 8.69 -27.98 -18.63
N VAL B 488 7.91 -27.71 -19.67
CA VAL B 488 6.95 -28.67 -20.21
C VAL B 488 7.36 -29.15 -21.60
N ARG B 489 7.93 -28.25 -22.41
CA ARG B 489 8.31 -28.63 -23.76
C ARG B 489 9.42 -29.68 -23.76
N GLU B 490 10.44 -29.49 -22.93
CA GLU B 490 11.55 -30.43 -22.89
C GLU B 490 11.19 -31.76 -22.23
N CYS B 491 10.06 -31.82 -21.52
CA CYS B 491 9.60 -33.05 -20.89
C CYS B 491 8.56 -33.79 -21.71
N GLY B 492 7.58 -33.08 -22.25
CA GLY B 492 6.54 -33.70 -23.07
C GLY B 492 5.29 -32.86 -23.19
N GLU B 502 -1.36 -12.43 -32.03
CA GLU B 502 -0.70 -11.32 -32.69
C GLU B 502 -0.75 -10.06 -31.85
N ILE B 503 0.38 -9.34 -31.77
CA ILE B 503 0.52 -8.18 -30.90
C ILE B 503 0.92 -6.98 -31.75
N ILE B 504 0.24 -5.85 -31.54
CA ILE B 504 0.52 -4.60 -32.24
C ILE B 504 0.66 -3.49 -31.21
N TYR B 505 1.33 -2.42 -31.62
CA TYR B 505 1.57 -1.28 -30.75
C TYR B 505 0.49 -0.22 -30.95
N THR B 506 -0.06 0.28 -29.84
CA THR B 506 -0.99 1.39 -29.86
C THR B 506 -0.70 2.30 -28.67
N LEU B 507 -0.97 3.59 -28.85
CA LEU B 507 -0.84 4.57 -27.77
C LEU B 507 -2.22 4.94 -27.27
N LYS B 508 -2.34 5.06 -25.94
CA LYS B 508 -3.60 5.32 -25.25
C LYS B 508 -4.61 4.18 -25.43
N GLU B 509 -4.17 3.05 -25.98
CA GLU B 509 -4.95 1.83 -26.00
C GLU B 509 -4.03 0.68 -25.63
N ARG B 510 -4.50 -0.20 -24.74
CA ARG B 510 -3.67 -1.27 -24.19
C ARG B 510 -4.00 -2.61 -24.84
N ALA B 511 -4.24 -2.61 -26.15
CA ALA B 511 -4.57 -3.84 -26.86
C ALA B 511 -3.45 -4.88 -26.79
N TYR B 512 -2.27 -4.52 -26.29
CA TYR B 512 -1.22 -5.50 -26.07
C TYR B 512 -1.05 -5.86 -24.61
N VAL B 513 -1.29 -4.94 -23.68
CA VAL B 513 -1.16 -5.23 -22.26
C VAL B 513 -2.14 -6.34 -21.88
N GLU B 514 -3.39 -6.24 -22.33
CA GLU B 514 -4.34 -7.31 -22.08
C GLU B 514 -3.95 -8.58 -22.82
N GLN B 515 -3.30 -8.46 -23.98
CA GLN B 515 -2.98 -9.63 -24.78
C GLN B 515 -1.93 -10.51 -24.12
N ILE B 516 -1.02 -9.91 -23.35
CA ILE B 516 0.00 -10.70 -22.66
C ILE B 516 -0.64 -11.55 -21.57
N GLU B 517 -1.64 -11.01 -20.86
CA GLU B 517 -2.25 -11.75 -19.77
C GLU B 517 -3.10 -12.91 -20.28
N LYS B 518 -3.73 -12.74 -21.45
CA LYS B 518 -4.52 -13.84 -22.01
C LYS B 518 -3.64 -15.03 -22.40
N ALA B 519 -2.33 -14.83 -22.51
CA ALA B 519 -1.40 -15.92 -22.77
C ALA B 519 -0.73 -16.42 -21.51
N PHE B 520 -0.34 -15.51 -20.61
CA PHE B 520 0.25 -15.92 -19.35
C PHE B 520 -0.73 -16.76 -18.53
N ASN B 521 -2.01 -16.42 -18.59
CA ASN B 521 -3.01 -17.20 -17.87
C ASN B 521 -3.20 -18.58 -18.47
N TYR B 522 -2.77 -18.80 -19.71
CA TYR B 522 -2.71 -20.16 -20.25
C TYR B 522 -1.34 -20.77 -20.08
N ALA B 523 -0.28 -19.96 -20.08
CA ALA B 523 1.06 -20.49 -19.89
C ALA B 523 1.20 -21.18 -18.55
N SER B 524 0.48 -20.72 -17.54
CA SER B 524 0.54 -21.36 -16.23
C SER B 524 -0.42 -22.54 -16.13
N LYS B 525 -1.61 -22.42 -16.73
CA LYS B 525 -2.62 -23.45 -16.57
C LYS B 525 -2.17 -24.77 -17.20
N VAL B 526 -1.27 -24.72 -18.18
CA VAL B 526 -0.78 -25.97 -18.76
C VAL B 526 0.29 -26.59 -17.87
N LEU B 527 1.10 -25.78 -17.20
CA LEU B 527 2.15 -26.32 -16.36
C LEU B 527 1.61 -26.82 -15.02
N LEU B 528 0.78 -26.01 -14.36
CA LEU B 528 0.20 -26.42 -13.08
C LEU B 528 -0.55 -27.72 -13.22
N ASP B 529 -1.38 -27.84 -14.26
CA ASP B 529 -2.11 -29.09 -14.47
C ASP B 529 -1.16 -30.22 -14.86
N PHE B 530 -0.02 -29.89 -15.47
CA PHE B 530 0.94 -30.93 -15.83
C PHE B 530 1.52 -31.60 -14.60
N LEU B 531 1.54 -30.91 -13.46
CA LEU B 531 2.13 -31.46 -12.24
C LEU B 531 1.13 -32.15 -11.34
N MET B 532 -0.17 -31.93 -11.54
CA MET B 532 -1.16 -32.51 -10.65
C MET B 532 -1.72 -33.84 -11.17
N GLU B 533 -1.94 -33.96 -12.47
CA GLU B 533 -2.50 -35.18 -13.03
C GLU B 533 -1.40 -36.17 -13.43
N GLU B 534 -0.53 -35.77 -14.35
CA GLU B 534 0.64 -36.56 -14.69
C GLU B 534 1.75 -36.24 -13.71
N LYS B 535 2.53 -37.26 -13.37
CA LYS B 535 3.56 -37.19 -12.31
C LYS B 535 3.05 -36.37 -11.13
N GLU B 536 1.94 -36.87 -10.57
CA GLU B 536 1.15 -36.12 -9.61
C GLU B 536 1.99 -35.65 -8.43
N LEU B 537 1.53 -34.57 -7.80
CA LEU B 537 2.22 -33.94 -6.70
C LEU B 537 1.54 -34.17 -5.35
N VAL B 538 0.22 -34.03 -5.29
CA VAL B 538 -0.46 -34.22 -4.01
C VAL B 538 -0.41 -35.68 -3.58
N ALA B 539 -0.56 -36.60 -4.53
CA ALA B 539 -0.34 -38.01 -4.22
C ALA B 539 1.12 -38.37 -4.12
N HIS B 540 2.01 -37.38 -4.22
CA HIS B 540 3.44 -37.57 -4.05
C HIS B 540 3.96 -37.00 -2.74
N LEU B 541 3.34 -35.94 -2.23
CA LEU B 541 3.73 -35.42 -0.92
C LEU B 541 3.28 -36.33 0.20
N ARG B 542 2.15 -37.03 0.01
CA ARG B 542 1.70 -37.98 1.03
C ARG B 542 2.67 -39.15 1.18
N SER B 543 3.49 -39.42 0.17
CA SER B 543 4.55 -40.41 0.33
C SER B 543 5.72 -39.88 1.15
N ILE B 544 5.73 -38.60 1.48
CA ILE B 544 6.71 -38.03 2.38
C ILE B 544 6.19 -37.95 3.81
N LYS B 545 4.91 -37.61 3.97
CA LYS B 545 4.32 -37.57 5.30
C LYS B 545 4.29 -38.94 5.95
N ARG B 546 4.21 -40.00 5.15
CA ARG B 546 4.19 -41.34 5.72
C ARG B 546 5.49 -41.69 6.44
N TYR B 547 6.60 -41.07 6.03
CA TYR B 547 7.90 -41.39 6.61
C TYR B 547 8.52 -40.21 7.35
N PHE B 548 8.62 -39.06 6.71
CA PHE B 548 9.33 -37.94 7.31
C PHE B 548 8.57 -37.37 8.51
N LEU B 549 7.28 -37.08 8.32
CA LEU B 549 6.48 -36.55 9.42
C LEU B 549 6.02 -37.63 10.38
N MET B 550 6.44 -38.88 10.17
CA MET B 550 6.12 -40.00 11.06
C MET B 550 4.61 -40.14 11.25
N ASP B 551 3.92 -40.42 10.14
CA ASP B 551 2.49 -40.70 10.18
C ASP B 551 2.19 -42.18 10.19
N GLN B 552 2.96 -42.98 9.47
CA GLN B 552 2.78 -44.43 9.49
C GLN B 552 3.39 -44.99 10.76
N GLY B 553 2.56 -45.59 11.61
CA GLY B 553 3.02 -46.13 12.87
C GLY B 553 3.52 -47.55 12.77
N ASP B 554 2.76 -48.41 12.07
CA ASP B 554 3.13 -49.82 11.97
C ASP B 554 4.42 -50.04 11.19
N PHE B 555 5.10 -48.99 10.76
CA PHE B 555 6.40 -49.11 10.11
C PHE B 555 7.55 -48.77 11.06
N PHE B 556 7.39 -47.78 11.92
CA PHE B 556 8.47 -47.39 12.81
C PHE B 556 8.59 -48.33 13.99
N VAL B 557 7.46 -48.78 14.55
CA VAL B 557 7.50 -49.72 15.66
C VAL B 557 8.16 -51.03 15.25
N HIS B 558 8.21 -51.31 13.95
CA HIS B 558 8.87 -52.50 13.45
C HIS B 558 10.30 -52.24 13.00
N PHE B 559 10.64 -51.00 12.66
CA PHE B 559 11.99 -50.70 12.21
C PHE B 559 12.93 -50.50 13.39
N MET B 560 12.55 -49.67 14.35
CA MET B 560 13.39 -49.48 15.53
C MET B 560 13.51 -50.76 16.35
N ASP B 561 12.53 -51.66 16.25
CA ASP B 561 12.63 -52.93 16.94
C ASP B 561 13.70 -53.83 16.33
N LEU B 562 13.96 -53.67 15.03
CA LEU B 562 14.95 -54.48 14.35
C LEU B 562 16.33 -53.84 14.34
N ALA B 563 16.40 -52.53 14.12
CA ALA B 563 17.66 -51.81 13.96
C ALA B 563 18.02 -51.01 15.20
N GLU B 564 17.75 -51.56 16.38
CA GLU B 564 18.12 -50.89 17.62
C GLU B 564 19.54 -51.26 18.05
N GLU B 565 19.81 -52.56 18.18
CA GLU B 565 21.15 -53.01 18.59
C GLU B 565 22.22 -52.50 17.65
N GLU B 566 21.91 -52.40 16.35
CA GLU B 566 22.87 -51.93 15.38
C GLU B 566 22.85 -50.41 15.22
N LEU B 567 22.09 -49.71 16.06
CA LEU B 567 22.11 -48.25 16.06
C LEU B 567 22.84 -47.68 17.27
N ARG B 568 22.85 -48.39 18.39
CA ARG B 568 23.57 -47.91 19.57
C ARG B 568 25.07 -47.93 19.38
N LYS B 569 25.57 -48.67 18.39
CA LYS B 569 26.99 -48.64 18.09
C LYS B 569 27.41 -47.23 17.66
N PRO B 570 28.66 -46.84 17.90
CA PRO B 570 29.07 -45.48 17.59
C PRO B 570 29.15 -45.24 16.08
N VAL B 571 29.32 -43.96 15.74
CA VAL B 571 29.47 -43.57 14.34
C VAL B 571 30.77 -44.14 13.79
N GLU B 572 30.88 -44.14 12.45
CA GLU B 572 31.98 -44.77 11.71
C GLU B 572 32.28 -46.18 12.22
N ASP B 573 31.23 -46.90 12.61
CA ASP B 573 31.34 -48.28 13.02
C ASP B 573 30.26 -49.16 12.39
N ILE B 574 29.22 -48.56 11.81
CA ILE B 574 28.10 -49.29 11.23
C ILE B 574 28.18 -49.23 9.72
N THR B 575 27.92 -50.37 9.08
CA THR B 575 27.99 -50.46 7.63
C THR B 575 26.63 -50.14 7.03
N PRO B 576 26.52 -49.12 6.18
CA PRO B 576 25.24 -48.82 5.53
C PRO B 576 24.65 -50.01 4.78
N PRO B 577 25.46 -50.91 4.21
CA PRO B 577 24.88 -52.15 3.68
C PRO B 577 24.12 -52.98 4.70
N ARG B 578 24.25 -52.69 5.99
CA ARG B 578 23.50 -53.42 7.01
C ARG B 578 22.20 -52.71 7.35
N LEU B 579 22.20 -51.38 7.38
CA LEU B 579 20.97 -50.65 7.71
C LEU B 579 19.97 -50.74 6.58
N GLU B 580 20.41 -50.46 5.34
CA GLU B 580 19.49 -50.47 4.21
C GLU B 580 18.82 -51.82 4.03
N ALA B 581 19.54 -52.91 4.34
CA ALA B 581 18.93 -54.23 4.27
C ALA B 581 17.82 -54.37 5.30
N LEU B 582 17.91 -53.66 6.42
CA LEU B 582 16.84 -53.68 7.40
C LEU B 582 15.71 -52.72 7.04
N LEU B 583 16.04 -51.60 6.40
CA LEU B 583 15.01 -50.66 5.97
C LEU B 583 14.10 -51.29 4.93
N GLU B 584 14.69 -51.92 3.91
CA GLU B 584 13.89 -52.60 2.90
C GLU B 584 13.00 -53.66 3.54
N LEU B 585 13.54 -54.44 4.46
CA LEU B 585 12.75 -55.45 5.15
C LEU B 585 11.73 -54.84 6.10
N ALA B 586 11.96 -53.61 6.57
CA ALA B 586 11.00 -52.98 7.46
C ALA B 586 9.76 -52.53 6.71
N LEU B 587 9.93 -52.05 5.47
CA LEU B 587 8.80 -51.55 4.72
C LEU B 587 7.88 -52.68 4.27
N ARG B 588 8.44 -53.74 3.68
CA ARG B 588 7.62 -54.78 3.08
C ARG B 588 6.84 -55.56 4.14
N MET B 589 7.46 -55.86 5.27
CA MET B 589 6.76 -56.59 6.33
C MET B 589 5.68 -55.75 6.99
N SER B 590 5.82 -54.42 6.96
CA SER B 590 4.86 -53.54 7.61
C SER B 590 3.63 -53.37 6.72
N THR B 591 2.78 -52.41 7.07
CA THR B 591 1.61 -52.07 6.27
C THR B 591 1.88 -50.94 5.29
N ALA B 592 3.13 -50.50 5.16
CA ALA B 592 3.51 -49.53 4.14
C ALA B 592 3.77 -50.19 2.79
N ASN B 593 3.44 -51.48 2.65
CA ASN B 593 3.69 -52.19 1.40
C ASN B 593 2.88 -51.59 0.25
N THR B 594 1.75 -50.97 0.55
CA THR B 594 0.90 -50.37 -0.48
C THR B 594 1.30 -48.91 -0.68
N ASP B 595 2.48 -48.74 -1.26
CA ASP B 595 3.03 -47.41 -1.52
C ASP B 595 3.87 -47.43 -2.78
N PRO B 596 3.40 -46.84 -3.88
CA PRO B 596 4.17 -46.91 -5.13
C PRO B 596 5.52 -46.23 -5.05
N PHE B 597 5.66 -45.19 -4.24
CA PHE B 597 6.90 -44.40 -4.18
C PHE B 597 7.80 -44.82 -3.02
N LYS B 598 7.54 -45.98 -2.40
CA LYS B 598 8.34 -46.39 -1.26
C LYS B 598 9.80 -46.64 -1.62
N ASP B 599 10.10 -46.83 -2.90
CA ASP B 599 11.45 -47.18 -3.33
C ASP B 599 12.37 -45.98 -3.46
N ASP B 600 12.03 -44.85 -2.84
CA ASP B 600 12.87 -43.66 -2.90
C ASP B 600 13.39 -43.27 -1.52
N LEU B 601 13.35 -44.18 -0.56
CA LEU B 601 13.87 -43.92 0.79
C LEU B 601 15.31 -44.37 0.87
N LYS B 602 16.21 -43.46 1.23
CA LYS B 602 17.61 -43.77 1.38
C LYS B 602 18.10 -43.34 2.76
N ILE B 603 19.06 -44.08 3.29
CA ILE B 603 19.65 -43.76 4.58
C ILE B 603 20.71 -42.68 4.39
N ASP B 604 20.69 -41.69 5.27
CA ASP B 604 21.64 -40.58 5.20
C ASP B 604 22.09 -40.25 6.62
N LEU B 605 23.33 -40.62 6.95
CA LEU B 605 23.89 -40.37 8.27
C LEU B 605 24.49 -38.98 8.30
N MET B 606 23.84 -38.08 9.03
CA MET B 606 24.33 -36.71 9.12
C MET B 606 25.62 -36.67 9.93
N PRO B 607 26.57 -35.81 9.56
CA PRO B 607 27.79 -35.71 10.39
C PRO B 607 27.56 -35.00 11.71
N HIS B 608 26.80 -33.92 11.71
CA HIS B 608 26.51 -33.17 12.93
C HIS B 608 25.21 -33.63 13.55
N ASP B 609 25.13 -33.53 14.88
CA ASP B 609 23.90 -33.85 15.57
C ASP B 609 22.90 -32.70 15.39
N LEU B 610 21.75 -32.82 16.05
CA LEU B 610 20.75 -31.75 16.04
C LEU B 610 21.24 -30.67 17.01
N ILE B 611 22.10 -29.79 16.50
CA ILE B 611 22.72 -28.76 17.31
C ILE B 611 21.66 -27.79 17.85
N SER B 639 27.82 -41.27 19.27
CA SER B 639 26.84 -40.94 18.24
C SER B 639 26.02 -42.17 17.88
N GLY B 640 25.96 -42.47 16.58
CA GLY B 640 25.23 -43.64 16.11
C GLY B 640 23.73 -43.50 16.01
N LEU B 641 23.07 -43.11 17.10
CA LEU B 641 21.62 -42.98 17.11
C LEU B 641 21.18 -41.57 16.74
N GLU B 642 21.89 -40.56 17.21
CA GLU B 642 21.59 -39.16 16.90
C GLU B 642 22.09 -38.74 15.53
N ALA B 643 22.50 -39.69 14.69
CA ALA B 643 23.00 -39.38 13.36
C ALA B 643 22.33 -40.24 12.30
N PHE B 644 21.03 -40.47 12.43
CA PHE B 644 20.26 -41.26 11.48
C PHE B 644 19.08 -40.43 10.99
N SER B 645 18.90 -40.40 9.66
CA SER B 645 17.83 -39.61 9.07
C SER B 645 17.62 -40.05 7.63
N PHE B 646 16.36 -40.15 7.23
CA PHE B 646 16.02 -40.57 5.89
C PHE B 646 16.45 -39.52 4.86
N ASP B 647 16.63 -39.98 3.63
CA ASP B 647 16.88 -39.12 2.49
C ASP B 647 15.97 -39.54 1.35
N TYR B 648 15.47 -38.54 0.62
CA TYR B 648 14.51 -38.76 -0.45
C TYR B 648 15.05 -38.17 -1.74
N ILE B 649 15.08 -38.98 -2.79
CA ILE B 649 15.53 -38.55 -4.12
C ILE B 649 14.33 -38.51 -5.05
N VAL B 650 14.23 -37.44 -5.82
CA VAL B 650 13.11 -37.23 -6.74
C VAL B 650 13.64 -36.90 -8.12
N LYS B 651 12.75 -37.01 -9.10
CA LYS B 651 13.11 -36.82 -10.50
C LYS B 651 13.20 -35.34 -10.83
N TRP B 652 13.30 -35.01 -12.12
CA TRP B 652 13.50 -33.61 -12.51
C TRP B 652 12.26 -32.75 -12.29
N PRO B 653 11.12 -33.03 -12.94
CA PRO B 653 10.05 -32.03 -12.97
C PRO B 653 9.48 -31.71 -11.60
N LEU B 654 9.49 -32.69 -10.68
CA LEU B 654 9.05 -32.44 -9.32
C LEU B 654 10.13 -31.79 -8.47
N SER B 655 11.40 -31.90 -8.88
CA SER B 655 12.48 -31.28 -8.12
C SER B 655 12.38 -29.76 -8.10
N LEU B 656 11.50 -29.16 -8.91
CA LEU B 656 11.28 -27.73 -8.80
C LEU B 656 10.56 -27.39 -7.49
N ILE B 657 9.62 -28.24 -7.08
CA ILE B 657 8.87 -27.99 -5.86
C ILE B 657 9.67 -28.43 -4.64
N ILE B 658 9.98 -29.73 -4.56
CA ILE B 658 10.69 -30.30 -3.42
C ILE B 658 12.14 -30.50 -3.84
N ASN B 659 13.02 -29.63 -3.34
CA ASN B 659 14.42 -29.61 -3.71
C ASN B 659 15.29 -29.67 -2.47
N ARG B 660 16.61 -29.77 -2.68
CA ARG B 660 17.54 -29.91 -1.57
C ARG B 660 17.45 -28.75 -0.61
N LYS B 661 17.04 -27.57 -1.09
CA LYS B 661 16.89 -26.43 -0.19
C LYS B 661 15.68 -26.61 0.73
N ALA B 662 14.61 -27.20 0.21
CA ALA B 662 13.38 -27.39 0.97
C ALA B 662 13.11 -28.85 1.30
N LEU B 663 14.14 -29.69 1.29
CA LEU B 663 14.03 -31.04 1.79
C LEU B 663 14.80 -31.28 3.09
N THR B 664 15.94 -30.60 3.26
CA THR B 664 16.63 -30.67 4.55
C THR B 664 15.77 -30.13 5.67
N ARG B 665 14.79 -29.28 5.34
CA ARG B 665 13.83 -28.84 6.35
C ARG B 665 12.93 -29.99 6.79
N TYR B 666 12.47 -30.80 5.84
CA TYR B 666 11.79 -32.04 6.21
C TYR B 666 12.70 -32.93 7.05
N GLN B 667 14.01 -32.83 6.84
CA GLN B 667 14.97 -33.65 7.54
C GLN B 667 15.41 -33.03 8.86
N MET B 668 15.06 -31.77 9.11
CA MET B 668 15.32 -31.14 10.40
C MET B 668 14.20 -31.39 11.40
N LEU B 669 12.94 -31.35 10.96
CA LEU B 669 11.82 -31.65 11.82
C LEU B 669 11.50 -33.13 11.85
N PHE B 670 12.35 -33.98 11.27
CA PHE B 670 12.20 -35.41 11.42
C PHE B 670 12.99 -35.92 12.62
N ARG B 671 14.26 -35.55 12.72
CA ARG B 671 15.09 -36.00 13.84
C ARG B 671 14.52 -35.52 15.17
N HIS B 672 13.94 -34.33 15.19
CA HIS B 672 13.30 -33.84 16.41
C HIS B 672 12.11 -34.69 16.82
N MET B 673 11.53 -35.43 15.88
CA MET B 673 10.45 -36.36 16.18
C MET B 673 10.92 -37.79 16.31
N PHE B 674 12.08 -38.13 15.75
CA PHE B 674 12.66 -39.44 15.98
C PHE B 674 13.38 -39.52 17.31
N TYR B 675 13.83 -38.38 17.83
CA TYR B 675 14.44 -38.36 19.16
C TYR B 675 13.37 -38.54 20.24
N CYS B 676 12.29 -37.76 20.17
CA CYS B 676 11.22 -37.87 21.13
C CYS B 676 10.48 -39.20 21.04
N LYS B 677 10.55 -39.86 19.89
CA LYS B 677 9.92 -41.17 19.77
C LYS B 677 10.80 -42.27 20.34
N HIS B 678 12.12 -42.07 20.31
CA HIS B 678 13.02 -43.11 20.81
C HIS B 678 12.98 -43.20 22.33
N VAL B 679 12.94 -42.05 23.01
CA VAL B 679 13.02 -42.05 24.47
C VAL B 679 11.81 -42.73 25.08
N GLU B 680 10.62 -42.25 24.75
CA GLU B 680 9.43 -42.87 25.33
C GLU B 680 9.12 -44.20 24.71
N ARG B 681 9.99 -44.69 23.82
CA ARG B 681 9.89 -46.08 23.40
C ARG B 681 10.57 -47.00 24.40
N GLN B 682 11.68 -46.57 24.99
CA GLN B 682 12.36 -47.35 26.01
C GLN B 682 11.87 -47.02 27.42
N LEU B 683 11.38 -45.80 27.62
CA LEU B 683 10.74 -45.49 28.90
C LEU B 683 9.52 -46.38 29.12
N CYS B 684 8.81 -46.71 28.06
CA CYS B 684 7.76 -47.72 28.14
C CYS B 684 8.34 -49.13 28.22
N SER B 685 9.63 -49.30 27.94
CA SER B 685 10.25 -50.62 28.03
C SER B 685 10.68 -50.94 29.45
N VAL B 686 11.18 -49.95 30.20
CA VAL B 686 11.51 -50.18 31.58
C VAL B 686 10.26 -50.38 32.42
N TRP B 687 9.09 -49.99 31.88
CA TRP B 687 7.84 -50.13 32.60
C TRP B 687 7.54 -51.56 32.98
N ILE B 688 8.05 -52.53 32.21
CA ILE B 688 7.72 -53.94 32.45
C ILE B 688 8.84 -54.59 33.26
N SER B 689 10.05 -54.06 33.17
CA SER B 689 11.18 -54.68 33.85
C SER B 689 11.02 -54.62 35.37
N ASN B 690 10.57 -53.48 35.89
CA ASN B 690 10.42 -53.35 37.33
C ASN B 690 9.19 -54.11 37.82
N LYS B 691 8.12 -54.12 37.03
CA LYS B 691 6.90 -54.82 37.41
C LYS B 691 7.15 -56.31 37.54
N THR B 692 7.09 -56.82 38.77
CA THR B 692 7.38 -58.23 39.03
C THR B 692 6.32 -59.14 38.42
N PHE B 704 13.55 -47.85 45.34
CA PHE B 704 13.02 -49.17 45.00
C PHE B 704 11.53 -49.09 44.70
N ALA B 705 10.84 -48.14 45.34
CA ALA B 705 9.41 -47.96 45.13
C ALA B 705 9.01 -46.49 45.08
N GLY B 706 9.97 -45.56 44.96
CA GLY B 706 9.64 -44.15 44.89
C GLY B 706 9.87 -43.57 43.51
N ALA B 707 10.43 -44.37 42.60
CA ALA B 707 10.63 -43.93 41.23
C ALA B 707 9.39 -44.10 40.37
N PHE B 708 8.36 -44.78 40.88
CA PHE B 708 7.13 -44.94 40.11
C PHE B 708 6.44 -43.60 39.89
N THR B 709 6.44 -42.75 40.91
CA THR B 709 5.82 -41.44 40.79
C THR B 709 6.70 -40.43 40.08
N LEU B 710 7.94 -40.78 39.77
CA LEU B 710 8.79 -39.93 38.94
C LEU B 710 8.72 -40.33 37.48
N ARG B 711 8.64 -41.64 37.20
CA ARG B 711 8.48 -42.09 35.82
C ARG B 711 7.22 -41.52 35.21
N GLN B 712 6.12 -41.54 35.97
CA GLN B 712 4.87 -40.94 35.51
C GLN B 712 4.97 -39.43 35.34
N ARG B 713 6.04 -38.80 35.82
CA ARG B 713 6.23 -37.37 35.63
C ARG B 713 6.94 -37.05 34.33
N MET B 714 7.78 -37.96 33.83
CA MET B 714 8.43 -37.76 32.54
C MET B 714 7.61 -38.36 31.40
N LEU B 715 6.93 -39.48 31.65
CA LEU B 715 6.07 -40.06 30.63
C LEU B 715 4.92 -39.13 30.29
N ASN B 716 4.32 -38.51 31.29
CA ASN B 716 3.25 -37.55 31.06
C ASN B 716 3.75 -36.24 30.49
N PHE B 717 5.06 -36.10 30.28
CA PHE B 717 5.62 -34.92 29.63
C PHE B 717 5.87 -35.16 28.14
N VAL B 718 6.57 -36.25 27.80
CA VAL B 718 6.83 -36.53 26.39
C VAL B 718 5.56 -36.97 25.68
N GLN B 719 4.72 -37.77 26.35
CA GLN B 719 3.47 -38.18 25.72
C GLN B 719 2.43 -37.07 25.72
N ASN B 720 2.70 -35.94 26.35
CA ASN B 720 1.88 -34.75 26.18
C ASN B 720 2.55 -33.71 25.29
N ILE B 721 3.78 -33.97 24.85
CA ILE B 721 4.39 -33.18 23.79
C ILE B 721 4.12 -33.79 22.43
N GLN B 722 4.19 -35.12 22.32
CA GLN B 722 3.90 -35.78 21.06
C GLN B 722 2.51 -35.45 20.57
N TYR B 723 1.52 -35.47 21.48
CA TYR B 723 0.15 -35.20 21.06
C TYR B 723 0.00 -33.78 20.55
N TYR B 724 0.68 -32.83 21.19
CA TYR B 724 0.64 -31.45 20.69
C TYR B 724 1.49 -31.29 19.44
N MET B 725 2.63 -31.97 19.38
CA MET B 725 3.50 -31.84 18.23
C MET B 725 2.94 -32.49 16.98
N MET B 726 1.99 -33.41 17.12
CA MET B 726 1.43 -34.11 15.98
C MET B 726 -0.01 -33.69 15.68
N PHE B 727 -0.90 -33.75 16.65
CA PHE B 727 -2.32 -33.56 16.41
C PHE B 727 -2.76 -32.11 16.45
N GLU B 728 -1.88 -31.17 16.76
CA GLU B 728 -2.27 -29.77 16.79
C GLU B 728 -1.25 -28.81 16.20
N VAL B 729 -0.15 -29.31 15.63
CA VAL B 729 0.83 -28.48 14.94
C VAL B 729 1.06 -28.96 13.51
N MET B 730 1.22 -30.26 13.33
CA MET B 730 1.50 -30.82 12.01
C MET B 730 0.30 -31.47 11.36
N GLU B 731 -0.74 -31.81 12.12
CA GLU B 731 -1.94 -32.36 11.52
C GLU B 731 -2.86 -31.27 10.96
N PRO B 732 -3.14 -30.20 11.70
CA PRO B 732 -3.97 -29.13 11.11
C PRO B 732 -3.24 -28.30 10.08
N THR B 733 -1.94 -28.06 10.26
CA THR B 733 -1.21 -27.23 9.30
C THR B 733 -1.10 -27.93 7.95
N TRP B 734 -0.87 -29.25 7.95
CA TRP B 734 -0.87 -29.98 6.69
C TRP B 734 -2.25 -29.95 6.05
N HIS B 735 -3.31 -30.08 6.86
CA HIS B 735 -4.66 -30.09 6.32
C HIS B 735 -4.98 -28.78 5.62
N ILE B 736 -4.34 -27.68 6.02
CA ILE B 736 -4.50 -26.43 5.30
C ILE B 736 -3.84 -26.54 3.93
N LEU B 737 -2.64 -27.10 3.88
CA LEU B 737 -1.91 -27.19 2.61
C LEU B 737 -2.68 -28.00 1.58
N GLU B 738 -3.27 -29.12 1.99
CA GLU B 738 -4.01 -29.95 1.05
C GLU B 738 -5.13 -29.16 0.39
N LYS B 739 -5.88 -28.40 1.20
CA LYS B 739 -6.90 -27.53 0.64
C LYS B 739 -6.29 -26.32 -0.05
N ASN B 740 -5.17 -25.82 0.46
CA ASN B 740 -4.54 -24.64 -0.11
C ASN B 740 -3.87 -24.93 -1.45
N LEU B 741 -3.80 -26.20 -1.87
CA LEU B 741 -3.29 -26.56 -3.19
C LEU B 741 -4.38 -26.84 -4.20
N LYS B 742 -5.65 -26.87 -3.77
CA LYS B 742 -6.74 -27.01 -4.72
C LYS B 742 -7.05 -25.69 -5.41
N SER B 743 -6.76 -24.57 -4.75
CA SER B 743 -7.00 -23.25 -5.31
C SER B 743 -5.72 -22.61 -5.86
N ALA B 744 -4.73 -23.42 -6.21
CA ALA B 744 -3.51 -22.89 -6.78
C ALA B 744 -3.75 -22.38 -8.19
N SER B 745 -2.95 -21.39 -8.59
CA SER B 745 -3.09 -20.78 -9.91
C SER B 745 -1.82 -20.86 -10.74
N ASN B 746 -0.65 -20.85 -10.10
CA ASN B 746 0.60 -20.91 -10.81
C ASN B 746 1.67 -21.51 -9.91
N ILE B 747 2.75 -21.99 -10.52
CA ILE B 747 3.74 -22.79 -9.79
C ILE B 747 4.42 -21.95 -8.73
N ASP B 748 4.76 -20.71 -9.04
CA ASP B 748 5.39 -19.84 -8.04
C ASP B 748 4.46 -19.51 -6.89
N ASP B 749 3.22 -19.99 -6.92
CA ASP B 749 2.32 -19.95 -5.77
C ASP B 749 2.37 -21.24 -4.96
N VAL B 750 2.36 -22.39 -5.64
CA VAL B 750 2.58 -23.66 -4.95
C VAL B 750 3.92 -23.64 -4.23
N LEU B 751 4.93 -23.03 -4.85
CA LEU B 751 6.22 -22.87 -4.20
C LEU B 751 6.14 -21.90 -3.02
N GLY B 752 4.97 -21.30 -2.82
CA GLY B 752 4.75 -20.45 -1.68
C GLY B 752 3.90 -21.11 -0.62
N HIS B 753 2.91 -21.90 -1.06
CA HIS B 753 2.12 -22.67 -0.12
C HIS B 753 2.89 -23.84 0.48
N HIS B 754 4.06 -24.15 -0.06
CA HIS B 754 4.88 -25.23 0.49
C HIS B 754 5.87 -24.70 1.52
N THR B 755 6.74 -23.77 1.10
CA THR B 755 7.65 -23.17 2.06
C THR B 755 6.91 -22.37 3.11
N GLY B 756 5.69 -21.91 2.80
CA GLY B 756 4.84 -21.32 3.81
C GLY B 756 4.30 -22.31 4.80
N PHE B 757 4.42 -23.60 4.53
CA PHE B 757 4.03 -24.64 5.45
C PHE B 757 5.20 -25.17 6.26
N LEU B 758 6.41 -25.14 5.71
CA LEU B 758 7.56 -25.62 6.44
C LEU B 758 8.08 -24.59 7.45
N ASP B 759 7.99 -23.30 7.12
CA ASP B 759 8.41 -22.30 8.09
C ASP B 759 7.40 -22.17 9.23
N THR B 760 6.18 -22.67 9.06
CA THR B 760 5.21 -22.67 10.14
C THR B 760 5.42 -23.86 11.08
N CYS B 761 5.67 -25.04 10.53
CA CYS B 761 5.94 -26.20 11.38
C CYS B 761 7.19 -25.99 12.20
N LEU B 762 8.22 -25.38 11.62
CA LEU B 762 9.45 -25.12 12.36
C LEU B 762 9.30 -23.96 13.34
N LYS B 763 8.23 -23.18 13.24
CA LYS B 763 8.00 -22.07 14.16
C LYS B 763 7.07 -22.47 15.31
N ASP B 764 5.96 -23.14 15.00
CA ASP B 764 5.06 -23.59 16.06
C ASP B 764 5.72 -24.63 16.94
N CYS B 765 6.57 -25.49 16.38
CA CYS B 765 7.37 -26.38 17.20
C CYS B 765 8.52 -25.60 17.83
N MET B 766 9.22 -26.26 18.75
CA MET B 766 10.33 -25.63 19.45
C MET B 766 11.60 -25.58 18.63
N LEU B 767 11.53 -25.84 17.32
CA LEU B 767 12.71 -25.90 16.47
C LEU B 767 13.31 -24.52 16.20
N THR B 768 12.68 -23.45 16.64
CA THR B 768 13.23 -22.11 16.47
C THR B 768 12.99 -21.26 17.70
N LEU B 772 18.68 -20.23 21.81
CA LEU B 772 17.25 -20.35 21.63
C LEU B 772 16.62 -21.20 22.72
N LEU B 773 15.70 -22.08 22.32
CA LEU B 773 15.04 -22.97 23.27
C LEU B 773 15.82 -24.27 23.44
N LYS B 774 17.12 -24.13 23.73
CA LYS B 774 17.99 -25.28 23.93
C LYS B 774 17.76 -25.97 25.26
N VAL B 775 16.92 -25.41 26.13
CA VAL B 775 16.63 -26.05 27.41
C VAL B 775 15.92 -27.37 27.19
N PHE B 776 15.20 -27.52 26.07
CA PHE B 776 14.56 -28.80 25.77
C PHE B 776 15.59 -29.87 25.50
N SER B 777 16.70 -29.51 24.87
CA SER B 777 17.76 -30.49 24.60
C SER B 777 18.33 -31.05 25.88
N LYS B 778 18.73 -30.17 26.81
CA LYS B 778 19.25 -30.62 28.09
C LYS B 778 18.17 -31.21 28.97
N LEU B 779 16.92 -30.80 28.81
CA LEU B 779 15.83 -31.42 29.56
C LEU B 779 15.65 -32.87 29.16
N MET B 780 15.90 -33.19 27.89
CA MET B 780 15.69 -34.56 27.43
C MET B 780 16.81 -35.49 27.89
N SER B 781 17.96 -34.94 28.27
CA SER B 781 19.08 -35.78 28.66
C SER B 781 18.80 -36.51 29.97
N VAL B 782 18.20 -35.83 30.94
CA VAL B 782 17.93 -36.48 32.22
C VAL B 782 16.83 -37.51 32.09
N CYS B 783 15.98 -37.41 31.08
CA CYS B 783 14.95 -38.43 30.88
C CYS B 783 15.57 -39.73 30.39
N VAL B 784 16.38 -39.66 29.33
CA VAL B 784 16.97 -40.87 28.77
C VAL B 784 18.00 -41.45 29.74
N MET B 785 18.74 -40.59 30.43
CA MET B 785 19.75 -41.08 31.37
C MET B 785 19.09 -41.79 32.55
N PHE B 786 17.93 -41.30 32.99
CA PHE B 786 17.22 -41.99 34.06
C PHE B 786 16.83 -43.39 33.66
N THR B 787 16.57 -43.62 32.37
CA THR B 787 16.28 -44.97 31.91
C THR B 787 17.51 -45.87 32.04
N ASN B 788 18.71 -45.31 31.90
CA ASN B 788 19.92 -46.12 32.05
C ASN B 788 20.12 -46.57 33.48
N CYS B 789 19.83 -45.70 34.45
CA CYS B 789 19.98 -46.07 35.86
C CYS B 789 19.06 -47.23 36.21
N MET B 790 17.78 -47.12 35.84
CA MET B 790 16.84 -48.20 36.09
C MET B 790 17.19 -49.46 35.30
N GLN B 791 17.93 -49.32 34.21
CA GLN B 791 18.33 -50.49 33.42
C GLN B 791 19.50 -51.24 34.03
N LYS B 792 20.11 -50.72 35.09
CA LYS B 792 21.23 -51.37 35.74
C LYS B 792 20.82 -52.31 36.87
N PHE B 793 19.59 -52.82 36.82
CA PHE B 793 19.12 -53.77 37.84
C PHE B 793 18.92 -55.15 37.24
N PHE B 846 21.92 -45.66 45.04
CA PHE B 846 20.78 -45.74 44.13
C PHE B 846 19.62 -44.92 44.65
N GLU B 847 19.17 -45.24 45.86
CA GLU B 847 18.04 -44.54 46.46
C GLU B 847 18.32 -43.06 46.62
N ALA B 848 19.59 -42.66 46.66
CA ALA B 848 19.98 -41.26 46.71
C ALA B 848 20.17 -40.65 45.33
N THR B 849 19.99 -41.43 44.27
CA THR B 849 20.09 -40.92 42.91
C THR B 849 18.73 -40.66 42.27
N ILE B 850 17.71 -41.42 42.64
CA ILE B 850 16.36 -41.18 42.11
C ILE B 850 15.89 -39.80 42.53
N ASN B 851 16.01 -39.48 43.82
CA ASN B 851 15.68 -38.15 44.30
C ASN B 851 16.61 -37.08 43.72
N LYS B 852 17.81 -37.47 43.28
CA LYS B 852 18.71 -36.51 42.65
C LYS B 852 18.20 -36.13 41.26
N PHE B 853 17.61 -37.09 40.53
CA PHE B 853 17.03 -36.78 39.23
C PHE B 853 15.79 -35.90 39.37
N ASP B 854 15.05 -36.06 40.46
CA ASP B 854 13.82 -35.29 40.66
C ASP B 854 14.13 -33.80 40.73
N LYS B 855 14.98 -33.41 41.68
CA LYS B 855 15.33 -32.00 41.82
C LYS B 855 15.99 -31.43 40.58
N ASN B 856 16.55 -32.28 39.72
CA ASN B 856 17.22 -31.82 38.52
C ASN B 856 16.25 -31.71 37.35
N PHE B 857 15.34 -32.67 37.19
CA PHE B 857 14.41 -32.64 36.08
C PHE B 857 13.27 -31.64 36.33
N SER B 858 12.73 -31.62 37.56
CA SER B 858 11.65 -30.70 37.86
C SER B 858 12.08 -29.25 37.74
N ALA B 859 13.34 -28.95 38.07
CA ALA B 859 13.84 -27.60 37.90
C ALA B 859 13.98 -27.24 36.43
N HIS B 860 14.40 -28.21 35.60
CA HIS B 860 14.51 -27.95 34.17
C HIS B 860 13.14 -27.76 33.53
N LEU B 861 12.12 -28.47 34.03
CA LEU B 861 10.78 -28.33 33.47
C LEU B 861 10.22 -26.95 33.76
N LEU B 862 10.41 -26.45 34.98
CA LEU B 862 9.90 -25.13 35.33
C LEU B 862 10.59 -24.02 34.55
N ASP B 863 11.82 -24.27 34.06
CA ASP B 863 12.47 -23.31 33.19
C ASP B 863 11.76 -23.22 31.84
N LEU B 864 11.14 -24.32 31.40
CA LEU B 864 10.46 -24.33 30.12
C LEU B 864 9.19 -23.49 30.17
N LEU B 865 8.27 -23.83 31.08
CA LEU B 865 7.00 -23.12 31.16
C LEU B 865 7.18 -21.66 31.52
N ALA B 866 8.33 -21.27 32.08
CA ALA B 866 8.58 -19.87 32.33
C ALA B 866 8.83 -19.11 31.04
N ARG B 867 9.56 -19.73 30.10
CA ARG B 867 9.83 -19.09 28.82
C ARG B 867 8.73 -19.31 27.79
N LEU B 868 8.00 -20.44 27.88
CA LEU B 868 6.88 -20.67 26.96
C LEU B 868 5.73 -19.72 27.22
N SER B 869 5.61 -19.18 28.44
CA SER B 869 4.51 -18.29 28.77
C SER B 869 4.78 -16.86 28.37
N ILE B 870 6.03 -16.41 28.41
CA ILE B 870 6.35 -15.02 28.11
C ILE B 870 6.39 -14.81 26.60
N TYR B 871 5.25 -14.44 26.03
CA TYR B 871 5.14 -14.17 24.60
C TYR B 871 4.01 -13.16 24.40
N SER B 872 3.65 -12.93 23.13
CA SER B 872 2.59 -12.00 22.80
C SER B 872 1.23 -12.56 23.19
N GLY B 879 -0.64 -23.11 18.79
CA GLY B 879 -0.32 -21.89 19.51
C GLY B 879 0.83 -22.06 20.49
N MET B 880 1.52 -20.96 20.80
CA MET B 880 2.62 -20.98 21.74
C MET B 880 2.16 -20.81 23.18
N ALA B 881 0.90 -20.48 23.41
CA ALA B 881 0.37 -20.36 24.77
C ALA B 881 -0.48 -21.56 25.17
N SER B 882 -1.17 -22.20 24.23
CA SER B 882 -1.97 -23.36 24.53
C SER B 882 -1.13 -24.58 24.90
N VAL B 883 0.18 -24.52 24.69
CA VAL B 883 1.04 -25.65 25.06
C VAL B 883 1.06 -25.87 26.56
N ILE B 884 0.97 -24.77 27.34
CA ILE B 884 0.97 -24.91 28.79
C ILE B 884 -0.24 -25.70 29.26
N SER B 885 -1.41 -25.42 28.68
CA SER B 885 -2.60 -26.17 29.03
C SER B 885 -2.47 -27.65 28.69
N ARG B 886 -1.54 -28.02 27.80
CA ARG B 886 -1.27 -29.41 27.51
C ARG B 886 -0.29 -30.04 28.49
N LEU B 887 0.59 -29.24 29.09
CA LEU B 887 1.57 -29.77 30.03
C LEU B 887 0.91 -30.09 31.37
N ASP B 888 0.25 -29.11 31.97
CA ASP B 888 -0.49 -29.31 33.22
C ASP B 888 -1.98 -29.18 32.95
N PHE B 889 -2.75 -30.09 33.50
CA PHE B 889 -4.19 -30.11 33.34
C PHE B 889 -4.91 -30.14 34.67
N ASN B 890 -4.38 -30.85 35.66
CA ASN B 890 -4.97 -30.93 36.99
C ASN B 890 -4.44 -29.86 37.94
N GLY B 891 -3.99 -28.73 37.41
CA GLY B 891 -3.52 -27.64 38.24
C GLY B 891 -2.14 -27.82 38.82
N PHE B 892 -1.46 -28.92 38.49
CA PHE B 892 -0.10 -29.12 38.96
C PHE B 892 0.84 -28.09 38.33
N TYR B 893 2.04 -27.99 38.89
CA TYR B 893 3.05 -27.04 38.44
C TYR B 893 2.51 -25.61 38.43
N THR B 894 1.67 -25.29 39.42
CA THR B 894 1.10 -23.96 39.51
C THR B 894 2.07 -22.94 40.09
N GLU B 895 3.28 -23.36 40.48
CA GLU B 895 4.26 -22.43 41.02
C GLU B 895 4.87 -21.59 39.91
#